data_4IDO
#
_entry.id   4IDO
#
_cell.length_a   49.610
_cell.length_b   116.430
_cell.length_c   185.400
_cell.angle_alpha   90.00
_cell.angle_beta   90.00
_cell.angle_gamma   90.00
#
_symmetry.space_group_name_H-M   'P 21 21 21'
#
loop_
_entity.id
_entity.type
_entity.pdbx_description
1 polymer Atlastin-1
2 non-polymer "GUANOSINE-5'-DIPHOSPHATE"
3 non-polymer 'TETRAFLUOROALUMINATE ION'
4 non-polymer 'MAGNESIUM ION'
5 water water
#
_entity_poly.entity_id   1
_entity_poly.type   'polypeptide(L)'
_entity_poly.pdbx_seq_one_letter_code
;MAKNRRDRNSWGGFSEKTYEWSSEEEEPVKKAGPVQVLIVKDDHSFELDETALNRILLSEAVRDKEVVAVSVAGAFRKGK
SFLMDFMLRYMYNQESVDWVGDYNEPLTGFSWRGGSERETTGIQIWSEIFLINKPDGKKVAVLLMDTQGTFDSQSTLRDS
ATVFALSTMISSIQVYNLSQNVQEDDLQHLQLFTEYGRLAMEETFLKPFQSLIFLVRDWSFPYEFSYGADGGAKFLEKRL
KVSGNQHEELQNVRKHIHSCFTNISCFLLPHPGLKVATNPNFDGKLKEIDDEFIKNLKILIPWLLSPESLDIKEINGNKI
TCRGLVEYFKAYIKIYQGEELPHPKSMLQATAEANNLAAVATAKDTYNKKMEEICGGDKPFLAPNDLQTKHLQLKEESVK
LFRGVKKMGGEEFSRRYLQQLESEIDELYIQYIKHNDSKNIFHAARAAALEHHHHHH
;
_entity_poly.pdbx_strand_id   A,B
#
loop_
_chem_comp.id
_chem_comp.type
_chem_comp.name
_chem_comp.formula
ALF non-polymer 'TETRAFLUOROALUMINATE ION' 'Al F4 -1'
GDP RNA linking GUANOSINE-5'-DIPHOSPHATE 'C10 H15 N5 O11 P2'
MG non-polymer 'MAGNESIUM ION' 'Mg 2'
#
# COMPACT_ATOMS: atom_id res chain seq x y z
N LYS A 31 -28.05 -31.25 -6.36
CA LYS A 31 -27.12 -30.76 -7.38
C LYS A 31 -26.10 -29.79 -6.79
N ALA A 32 -24.83 -30.05 -7.06
CA ALA A 32 -23.74 -29.26 -6.50
C ALA A 32 -23.73 -27.81 -6.98
N GLY A 33 -23.21 -26.94 -6.12
CA GLY A 33 -23.21 -25.52 -6.40
C GLY A 33 -22.32 -24.75 -5.45
N PRO A 34 -22.10 -23.47 -5.75
CA PRO A 34 -21.31 -22.61 -4.88
C PRO A 34 -22.12 -22.22 -3.65
N VAL A 35 -21.52 -22.26 -2.47
CA VAL A 35 -22.22 -21.89 -1.25
C VAL A 35 -21.55 -20.67 -0.60
N GLN A 36 -22.33 -19.64 -0.33
CA GLN A 36 -21.83 -18.44 0.33
C GLN A 36 -21.58 -18.77 1.80
N VAL A 37 -20.33 -18.67 2.24
CA VAL A 37 -20.02 -19.06 3.61
C VAL A 37 -19.62 -17.87 4.50
N LEU A 38 -18.82 -16.96 3.94
CA LEU A 38 -18.58 -15.70 4.61
C LEU A 38 -19.35 -14.66 3.84
N ILE A 39 -20.24 -13.98 4.55
CA ILE A 39 -21.05 -12.94 3.97
C ILE A 39 -20.47 -11.62 4.44
N VAL A 40 -20.22 -10.74 3.48
CA VAL A 40 -19.79 -9.39 3.80
C VAL A 40 -20.92 -8.41 3.52
N LYS A 41 -21.44 -7.80 4.57
CA LYS A 41 -22.56 -6.87 4.43
C LYS A 41 -22.18 -5.45 3.99
N ASP A 42 -23.18 -4.71 3.54
CA ASP A 42 -22.99 -3.33 3.08
C ASP A 42 -22.41 -2.42 4.15
N ASP A 43 -22.67 -2.75 5.41
CA ASP A 43 -22.17 -1.95 6.51
C ASP A 43 -20.77 -2.41 6.92
N HIS A 44 -20.15 -3.22 6.05
CA HIS A 44 -18.79 -3.76 6.24
C HIS A 44 -18.71 -4.73 7.43
N SER A 45 -19.86 -5.21 7.92
CA SER A 45 -19.86 -6.26 8.94
C SER A 45 -19.71 -7.63 8.28
N PHE A 46 -19.20 -8.59 9.06
CA PHE A 46 -18.96 -9.94 8.57
C PHE A 46 -19.89 -10.92 9.25
N GLU A 47 -20.41 -11.85 8.46
CA GLU A 47 -21.29 -12.88 8.98
C GLU A 47 -20.88 -14.25 8.45
N LEU A 48 -20.79 -15.23 9.33
CA LEU A 48 -20.60 -16.60 8.88
C LEU A 48 -21.96 -17.26 8.76
N ASP A 49 -22.21 -17.97 7.66
CA ASP A 49 -23.42 -18.78 7.58
C ASP A 49 -23.08 -20.16 8.12
N GLU A 50 -23.31 -20.34 9.41
CA GLU A 50 -23.00 -21.60 10.09
C GLU A 50 -23.84 -22.79 9.61
N THR A 51 -25.12 -22.56 9.36
CA THR A 51 -25.96 -23.66 8.89
C THR A 51 -25.37 -24.20 7.59
N ALA A 52 -24.99 -23.30 6.69
CA ALA A 52 -24.45 -23.72 5.41
C ALA A 52 -23.10 -24.40 5.55
N LEU A 53 -22.24 -23.83 6.38
CA LEU A 53 -20.92 -24.40 6.62
C LEU A 53 -21.01 -25.81 7.22
N ASN A 54 -21.87 -25.95 8.22
CA ASN A 54 -22.03 -27.22 8.91
C ASN A 54 -22.55 -28.30 7.98
N ARG A 55 -23.49 -27.90 7.12
CA ARG A 55 -24.15 -28.82 6.22
C ARG A 55 -23.13 -29.45 5.28
N ILE A 56 -22.13 -28.67 4.88
CA ILE A 56 -21.09 -29.16 3.99
C ILE A 56 -20.00 -29.98 4.69
N LEU A 57 -19.46 -29.46 5.78
CA LEU A 57 -18.27 -30.08 6.35
C LEU A 57 -18.53 -31.02 7.55
N LEU A 58 -19.75 -31.05 8.06
CA LEU A 58 -20.06 -31.94 9.17
C LEU A 58 -20.87 -33.18 8.75
N SER A 59 -21.04 -33.39 7.45
CA SER A 59 -21.72 -34.60 6.98
C SER A 59 -20.93 -35.85 7.39
N GLU A 60 -21.63 -36.97 7.56
CA GLU A 60 -21.00 -38.18 8.05
C GLU A 60 -19.85 -38.63 7.17
N ALA A 61 -20.00 -38.49 5.87
CA ALA A 61 -19.00 -38.92 4.92
C ALA A 61 -17.68 -38.15 5.02
N VAL A 62 -17.71 -36.92 5.53
CA VAL A 62 -16.46 -36.15 5.52
C VAL A 62 -15.93 -35.64 6.86
N ARG A 63 -16.77 -35.59 7.88
CA ARG A 63 -16.45 -34.83 9.09
C ARG A 63 -15.16 -35.32 9.77
N ASP A 64 -14.87 -36.60 9.66
CA ASP A 64 -13.66 -37.16 10.26
C ASP A 64 -12.46 -37.25 9.32
N LYS A 65 -12.66 -36.89 8.06
CA LYS A 65 -11.56 -36.91 7.11
C LYS A 65 -10.60 -35.75 7.35
N GLU A 66 -9.32 -36.02 7.17
CA GLU A 66 -8.32 -34.96 7.12
C GLU A 66 -8.61 -34.15 5.89
N VAL A 67 -8.38 -32.84 5.97
CA VAL A 67 -8.89 -31.94 4.96
C VAL A 67 -7.78 -31.19 4.22
N VAL A 68 -7.98 -31.02 2.93
CA VAL A 68 -7.11 -30.19 2.10
C VAL A 68 -8.00 -29.08 1.61
N ALA A 69 -7.54 -27.85 1.81
CA ALA A 69 -8.34 -26.69 1.49
C ALA A 69 -7.57 -25.80 0.52
N VAL A 70 -8.18 -25.57 -0.63
CA VAL A 70 -7.57 -24.79 -1.69
C VAL A 70 -8.33 -23.50 -1.96
N SER A 71 -7.64 -22.38 -1.83
CA SER A 71 -8.23 -21.07 -2.00
C SER A 71 -7.51 -20.34 -3.14
N VAL A 72 -8.21 -19.41 -3.77
CA VAL A 72 -7.57 -18.44 -4.67
C VAL A 72 -7.94 -17.03 -4.19
N ALA A 73 -6.98 -16.11 -4.27
CA ALA A 73 -7.18 -14.77 -3.70
C ALA A 73 -6.27 -13.76 -4.39
N GLY A 74 -6.65 -12.50 -4.29
CA GLY A 74 -5.89 -11.45 -4.93
C GLY A 74 -6.81 -10.39 -5.47
N ALA A 75 -6.24 -9.51 -6.28
CA ALA A 75 -6.94 -8.33 -6.77
C ALA A 75 -8.20 -8.70 -7.51
N PHE A 76 -9.21 -7.84 -7.39
CA PHE A 76 -10.49 -8.11 -8.00
C PHE A 76 -10.47 -8.00 -9.55
N ARG A 77 -11.42 -8.65 -10.21
CA ARG A 77 -11.59 -8.68 -11.67
C ARG A 77 -10.39 -9.28 -12.46
N LYS A 78 -9.73 -10.29 -11.90
CA LYS A 78 -8.55 -10.86 -12.54
C LYS A 78 -8.68 -12.36 -12.87
N GLY A 79 -9.91 -12.88 -12.89
CA GLY A 79 -10.14 -14.26 -13.33
C GLY A 79 -9.96 -15.37 -12.31
N LYS A 80 -10.10 -15.03 -11.04
CA LYS A 80 -9.97 -16.02 -9.96
C LYS A 80 -11.08 -17.08 -10.02
N SER A 81 -12.33 -16.64 -10.14
CA SER A 81 -13.47 -17.55 -10.24
C SER A 81 -13.46 -18.47 -11.49
N PHE A 82 -13.08 -17.90 -12.63
CA PHE A 82 -12.81 -18.60 -13.88
C PHE A 82 -11.83 -19.76 -13.65
N LEU A 83 -10.72 -19.45 -12.98
CA LEU A 83 -9.72 -20.47 -12.71
C LEU A 83 -10.29 -21.58 -11.82
N MET A 84 -11.01 -21.17 -10.78
CA MET A 84 -11.58 -22.14 -9.84
C MET A 84 -12.52 -23.09 -10.56
N ASP A 85 -13.20 -22.57 -11.58
CA ASP A 85 -14.13 -23.40 -12.33
C ASP A 85 -13.42 -24.42 -13.21
N PHE A 86 -12.23 -24.08 -13.70
CA PHE A 86 -11.39 -25.10 -14.34
C PHE A 86 -10.84 -26.10 -13.29
N MET A 87 -10.51 -25.62 -12.08
CA MET A 87 -10.12 -26.55 -11.01
C MET A 87 -11.24 -27.58 -10.74
N LEU A 88 -12.49 -27.10 -10.77
CA LEU A 88 -13.67 -27.98 -10.61
C LEU A 88 -13.76 -29.06 -11.68
N ARG A 89 -13.48 -28.71 -12.94
CA ARG A 89 -13.53 -29.72 -14.00
C ARG A 89 -12.50 -30.82 -13.72
N TYR A 90 -11.33 -30.41 -13.27
CA TYR A 90 -10.28 -31.39 -12.93
C TYR A 90 -10.74 -32.27 -11.76
N MET A 91 -11.26 -31.67 -10.69
CA MET A 91 -11.65 -32.44 -9.52
C MET A 91 -12.74 -33.46 -9.87
N TYR A 92 -13.63 -33.10 -10.79
CA TYR A 92 -14.67 -34.05 -11.25
C TYR A 92 -14.18 -35.11 -12.25
N ASN A 93 -13.06 -34.86 -12.91
CA ASN A 93 -12.60 -35.75 -13.98
C ASN A 93 -11.11 -36.08 -13.90
N GLN A 94 -10.59 -36.24 -12.70
CA GLN A 94 -9.16 -36.45 -12.50
C GLN A 94 -8.67 -37.67 -13.27
N GLU A 95 -9.57 -38.63 -13.47
CA GLU A 95 -9.24 -39.90 -14.12
C GLU A 95 -9.09 -39.78 -15.63
N SER A 96 -9.70 -38.75 -16.22
CA SER A 96 -9.67 -38.60 -17.67
C SER A 96 -8.42 -37.91 -18.16
N VAL A 97 -8.00 -38.31 -19.36
CA VAL A 97 -6.90 -37.66 -20.05
C VAL A 97 -7.40 -36.31 -20.55
N ASP A 98 -8.73 -36.17 -20.65
CA ASP A 98 -9.26 -34.95 -21.24
C ASP A 98 -10.20 -34.24 -20.29
N TRP A 99 -9.80 -34.20 -19.02
CA TRP A 99 -10.56 -33.55 -17.97
C TRP A 99 -10.88 -32.09 -18.30
N VAL A 100 -10.07 -31.47 -19.13
CA VAL A 100 -10.24 -30.04 -19.42
C VAL A 100 -11.60 -29.77 -20.06
N GLY A 101 -12.15 -30.80 -20.70
CA GLY A 101 -13.50 -30.78 -21.19
C GLY A 101 -13.70 -30.69 -22.69
N ASP A 102 -14.95 -30.81 -23.09
CA ASP A 102 -15.36 -30.56 -24.46
C ASP A 102 -15.09 -29.09 -24.77
N TYR A 103 -14.52 -28.83 -25.95
CA TYR A 103 -14.16 -27.46 -26.33
C TYR A 103 -15.35 -26.55 -26.59
N ASN A 104 -16.54 -27.16 -26.71
CA ASN A 104 -17.76 -26.40 -26.91
C ASN A 104 -18.60 -26.22 -25.63
N GLU A 105 -18.12 -26.78 -24.53
CA GLU A 105 -18.84 -26.67 -23.27
C GLU A 105 -18.51 -25.35 -22.56
N PRO A 106 -19.54 -24.65 -22.08
CA PRO A 106 -19.37 -23.39 -21.32
C PRO A 106 -18.80 -23.67 -19.93
N LEU A 107 -18.18 -22.66 -19.31
CA LEU A 107 -17.57 -22.83 -18.01
C LEU A 107 -18.53 -22.38 -16.91
N THR A 108 -18.82 -23.31 -15.99
CA THR A 108 -19.80 -23.07 -14.94
C THR A 108 -19.24 -23.42 -13.56
N GLY A 109 -19.96 -23.00 -12.51
CA GLY A 109 -19.57 -23.27 -11.14
C GLY A 109 -19.68 -22.06 -10.24
N PHE A 110 -18.55 -21.60 -9.72
CA PHE A 110 -18.52 -20.32 -9.04
C PHE A 110 -18.82 -19.29 -10.10
N SER A 111 -19.63 -18.29 -9.78
CA SER A 111 -20.01 -17.30 -10.74
C SER A 111 -18.84 -16.42 -11.18
N TRP A 112 -18.64 -16.33 -12.49
CA TRP A 112 -17.56 -15.53 -13.04
C TRP A 112 -18.13 -14.76 -14.21
N ARG A 113 -17.55 -13.60 -14.53
CA ARG A 113 -18.00 -12.79 -15.67
C ARG A 113 -17.10 -11.57 -15.88
N GLY A 114 -17.21 -10.93 -17.05
CA GLY A 114 -16.51 -9.69 -17.29
C GLY A 114 -17.32 -8.52 -16.75
N GLY A 115 -16.96 -7.32 -17.17
CA GLY A 115 -17.55 -6.11 -16.63
C GLY A 115 -16.64 -5.56 -15.57
N SER A 116 -16.71 -4.25 -15.35
CA SER A 116 -15.79 -3.59 -14.45
C SER A 116 -16.17 -3.70 -12.97
N GLU A 117 -17.38 -4.18 -12.68
CA GLU A 117 -17.81 -4.32 -11.29
C GLU A 117 -17.58 -5.72 -10.73
N ARG A 118 -17.23 -5.81 -9.46
CA ARG A 118 -16.94 -7.08 -8.80
C ARG A 118 -18.13 -8.03 -8.88
N GLU A 119 -17.85 -9.33 -8.85
CA GLU A 119 -18.90 -10.35 -8.77
C GLU A 119 -18.85 -11.07 -7.43
N THR A 120 -17.77 -11.81 -7.18
CA THR A 120 -17.66 -12.57 -5.94
C THR A 120 -17.54 -11.64 -4.75
N THR A 121 -18.31 -11.90 -3.69
CA THR A 121 -18.13 -11.18 -2.43
C THR A 121 -17.95 -12.17 -1.30
N GLY A 122 -17.28 -11.72 -0.24
CA GLY A 122 -17.01 -12.57 0.89
C GLY A 122 -16.23 -13.81 0.48
N ILE A 123 -16.63 -14.97 1.03
CA ILE A 123 -15.98 -16.22 0.66
C ILE A 123 -17.02 -17.29 0.39
N GLN A 124 -16.82 -17.99 -0.73
CA GLN A 124 -17.68 -19.11 -1.13
C GLN A 124 -16.90 -20.43 -1.17
N ILE A 125 -17.61 -21.53 -0.94
CA ILE A 125 -16.97 -22.82 -1.11
C ILE A 125 -17.86 -23.67 -1.99
N TRP A 126 -17.28 -24.68 -2.60
CA TRP A 126 -18.06 -25.59 -3.43
C TRP A 126 -18.81 -26.60 -2.52
N SER A 127 -20.10 -26.84 -2.79
CA SER A 127 -20.89 -27.68 -1.92
C SER A 127 -20.42 -29.12 -1.89
N GLU A 128 -19.78 -29.60 -2.95
CA GLU A 128 -19.37 -30.99 -2.94
C GLU A 128 -17.91 -31.11 -2.52
N ILE A 129 -17.68 -31.80 -1.40
CA ILE A 129 -16.32 -32.06 -0.93
C ILE A 129 -15.81 -33.29 -1.66
N PHE A 130 -14.66 -33.17 -2.36
CA PHE A 130 -14.10 -34.31 -3.10
C PHE A 130 -13.31 -35.26 -2.21
N LEU A 131 -13.48 -36.57 -2.42
CA LEU A 131 -12.69 -37.55 -1.67
C LEU A 131 -11.60 -38.14 -2.56
N ILE A 132 -10.35 -37.93 -2.17
CA ILE A 132 -9.20 -38.31 -3.00
C ILE A 132 -8.32 -39.30 -2.25
N ASN A 133 -7.71 -40.23 -2.99
CA ASN A 133 -6.74 -41.14 -2.39
C ASN A 133 -5.34 -40.63 -2.64
N LYS A 134 -4.63 -40.31 -1.57
CA LYS A 134 -3.24 -39.91 -1.69
C LYS A 134 -2.42 -41.16 -1.98
N PRO A 135 -1.25 -40.99 -2.61
CA PRO A 135 -0.36 -42.13 -2.82
C PRO A 135 -0.09 -42.87 -1.49
N ASP A 136 -0.07 -42.13 -0.37
CA ASP A 136 0.00 -42.66 0.99
C ASP A 136 -0.92 -43.86 1.22
N GLY A 137 -2.20 -43.69 0.91
CA GLY A 137 -3.22 -44.64 1.30
C GLY A 137 -4.22 -43.86 2.12
N LYS A 138 -3.79 -42.65 2.47
CA LYS A 138 -4.56 -41.71 3.27
C LYS A 138 -5.67 -41.14 2.40
N LYS A 139 -6.93 -41.40 2.74
CA LYS A 139 -8.02 -40.86 1.95
C LYS A 139 -8.30 -39.47 2.54
N VAL A 140 -8.29 -38.43 1.71
CA VAL A 140 -8.54 -37.07 2.20
C VAL A 140 -9.67 -36.30 1.52
N ALA A 141 -10.18 -35.30 2.21
CA ALA A 141 -11.25 -34.48 1.71
C ALA A 141 -10.66 -33.22 1.08
N VAL A 142 -11.22 -32.77 -0.04
CA VAL A 142 -10.74 -31.55 -0.69
C VAL A 142 -11.84 -30.52 -0.82
N LEU A 143 -11.59 -29.36 -0.21
CA LEU A 143 -12.52 -28.25 -0.22
C LEU A 143 -11.98 -27.14 -1.15
N LEU A 144 -12.85 -26.54 -1.95
CA LEU A 144 -12.44 -25.43 -2.82
C LEU A 144 -13.01 -24.10 -2.37
N MET A 145 -12.17 -23.08 -2.25
CA MET A 145 -12.60 -21.77 -1.76
C MET A 145 -12.42 -20.67 -2.79
N ASP A 146 -13.47 -19.90 -3.05
CA ASP A 146 -13.39 -18.77 -3.97
C ASP A 146 -13.57 -17.46 -3.17
N THR A 147 -12.79 -16.43 -3.46
CA THR A 147 -12.80 -15.24 -2.59
C THR A 147 -13.10 -13.94 -3.32
N GLN A 148 -13.67 -13.00 -2.57
CA GLN A 148 -13.85 -11.64 -3.04
C GLN A 148 -12.48 -11.02 -3.35
N GLY A 149 -12.30 -10.53 -4.57
CA GLY A 149 -11.06 -9.88 -4.94
C GLY A 149 -10.77 -8.63 -4.12
N THR A 150 -9.49 -8.41 -3.81
CA THR A 150 -9.14 -7.25 -3.02
C THR A 150 -9.23 -5.97 -3.83
N PHE A 151 -9.36 -4.85 -3.13
CA PHE A 151 -9.26 -3.50 -3.69
C PHE A 151 -10.41 -3.04 -4.61
N ASP A 152 -11.58 -3.65 -4.44
CA ASP A 152 -12.75 -3.16 -5.16
C ASP A 152 -13.22 -1.85 -4.51
N SER A 153 -14.05 -1.09 -5.22
CA SER A 153 -14.36 0.24 -4.74
C SER A 153 -15.44 0.27 -3.67
N GLN A 154 -15.94 -0.89 -3.25
CA GLN A 154 -16.94 -0.92 -2.18
C GLN A 154 -16.27 -1.20 -0.84
N SER A 155 -14.98 -1.52 -0.85
CA SER A 155 -14.39 -2.17 0.31
C SER A 155 -13.39 -1.32 1.07
N THR A 156 -13.46 -1.36 2.39
CA THR A 156 -12.40 -0.78 3.20
C THR A 156 -11.20 -1.70 3.08
N LEU A 157 -10.04 -1.21 3.50
CA LEU A 157 -8.81 -1.99 3.50
C LEU A 157 -9.05 -3.17 4.43
N ARG A 158 -9.76 -2.90 5.52
CA ARG A 158 -10.07 -3.94 6.49
C ARG A 158 -10.94 -5.06 5.91
N ASP A 159 -11.89 -4.72 5.04
CA ASP A 159 -12.68 -5.72 4.33
C ASP A 159 -11.77 -6.63 3.47
N SER A 160 -10.88 -6.02 2.71
CA SER A 160 -10.02 -6.82 1.84
C SER A 160 -9.07 -7.68 2.67
N ALA A 161 -8.52 -7.10 3.73
CA ALA A 161 -7.58 -7.84 4.57
C ALA A 161 -8.24 -9.03 5.22
N THR A 162 -9.49 -8.84 5.67
CA THR A 162 -10.21 -9.91 6.37
C THR A 162 -10.46 -11.09 5.45
N VAL A 163 -10.92 -10.82 4.23
CA VAL A 163 -11.15 -11.89 3.28
C VAL A 163 -9.85 -12.63 2.95
N PHE A 164 -8.82 -11.86 2.63
CA PHE A 164 -7.54 -12.46 2.26
C PHE A 164 -6.94 -13.21 3.46
N ALA A 165 -6.95 -12.60 4.63
CA ALA A 165 -6.41 -13.27 5.82
C ALA A 165 -7.15 -14.58 6.15
N LEU A 166 -8.48 -14.52 6.19
CA LEU A 166 -9.27 -15.71 6.51
C LEU A 166 -9.05 -16.83 5.50
N SER A 167 -9.00 -16.50 4.22
CA SER A 167 -8.82 -17.53 3.21
C SER A 167 -7.47 -18.19 3.38
N THR A 168 -6.46 -17.38 3.68
CA THR A 168 -5.10 -17.85 3.95
C THR A 168 -5.00 -18.67 5.25
N MET A 169 -5.68 -18.25 6.31
CA MET A 169 -5.65 -19.00 7.56
C MET A 169 -6.32 -20.37 7.50
N ILE A 170 -7.38 -20.44 6.70
CA ILE A 170 -8.14 -21.67 6.49
C ILE A 170 -7.53 -22.63 5.46
N SER A 171 -7.04 -22.08 4.35
CA SER A 171 -6.51 -22.90 3.27
C SER A 171 -5.15 -23.54 3.63
N SER A 172 -4.87 -24.68 2.98
CA SER A 172 -3.57 -25.31 3.07
C SER A 172 -2.78 -24.97 1.80
N ILE A 173 -3.50 -24.60 0.75
CA ILE A 173 -2.89 -24.10 -0.45
C ILE A 173 -3.56 -22.80 -0.87
N GLN A 174 -2.79 -21.71 -0.88
CA GLN A 174 -3.27 -20.40 -1.29
C GLN A 174 -2.67 -20.02 -2.63
N VAL A 175 -3.54 -19.85 -3.61
CA VAL A 175 -3.14 -19.38 -4.93
C VAL A 175 -3.30 -17.89 -4.95
N TYR A 176 -2.17 -17.18 -4.95
CA TYR A 176 -2.15 -15.74 -4.94
C TYR A 176 -2.11 -15.31 -6.41
N ASN A 177 -3.24 -14.83 -6.89
CA ASN A 177 -3.45 -14.53 -8.29
C ASN A 177 -3.03 -13.10 -8.58
N LEU A 178 -2.07 -12.93 -9.48
CA LEU A 178 -1.57 -11.60 -9.82
C LEU A 178 -1.69 -11.35 -11.31
N SER A 179 -1.69 -10.08 -11.70
CA SER A 179 -1.75 -9.73 -13.11
C SER A 179 -0.39 -9.25 -13.66
N GLN A 180 0.14 -9.97 -14.66
CA GLN A 180 1.32 -9.56 -15.46
C GLN A 180 2.69 -9.65 -14.80
N ASN A 181 2.79 -9.28 -13.53
CA ASN A 181 4.11 -9.14 -12.91
C ASN A 181 3.95 -9.24 -11.41
N VAL A 182 5.05 -9.38 -10.70
CA VAL A 182 5.03 -9.31 -9.24
C VAL A 182 5.72 -8.02 -8.80
N GLN A 183 4.92 -7.00 -8.49
CA GLN A 183 5.46 -5.69 -8.13
C GLN A 183 5.69 -5.60 -6.61
N GLU A 184 6.42 -4.58 -6.19
CA GLU A 184 6.74 -4.41 -4.77
C GLU A 184 5.49 -4.16 -3.92
N ASP A 185 4.56 -3.41 -4.47
CA ASP A 185 3.27 -3.19 -3.78
C ASP A 185 2.49 -4.50 -3.55
N ASP A 186 2.60 -5.47 -4.48
CA ASP A 186 1.99 -6.78 -4.28
C ASP A 186 2.62 -7.47 -3.06
N LEU A 187 3.94 -7.36 -2.92
CA LEU A 187 4.62 -7.97 -1.77
C LEU A 187 4.21 -7.29 -0.45
N GLN A 188 4.03 -5.98 -0.51
CA GLN A 188 3.59 -5.24 0.68
C GLN A 188 2.17 -5.58 1.12
N HIS A 189 1.25 -5.74 0.17
CA HIS A 189 -0.11 -6.16 0.47
C HIS A 189 -0.11 -7.58 1.07
N LEU A 190 0.66 -8.48 0.45
CA LEU A 190 0.75 -9.86 0.93
C LEU A 190 1.28 -9.86 2.36
N GLN A 191 2.29 -9.05 2.62
CA GLN A 191 2.84 -8.94 3.97
C GLN A 191 1.74 -8.41 4.94
N LEU A 192 1.07 -7.32 4.59
CA LEU A 192 0.03 -6.79 5.48
C LEU A 192 -1.07 -7.81 5.77
N PHE A 193 -1.58 -8.44 4.71
CA PHE A 193 -2.66 -9.41 4.85
C PHE A 193 -2.26 -10.64 5.66
N THR A 194 -1.13 -11.24 5.33
CA THR A 194 -0.70 -12.44 6.08
C THR A 194 -0.40 -12.12 7.53
N GLU A 195 0.12 -10.91 7.77
CA GLU A 195 0.38 -10.48 9.13
C GLU A 195 -0.93 -10.34 9.92
N TYR A 196 -1.94 -9.78 9.27
CA TYR A 196 -3.27 -9.65 9.86
C TYR A 196 -3.82 -11.03 10.22
N GLY A 197 -3.59 -12.00 9.33
CA GLY A 197 -3.94 -13.38 9.59
C GLY A 197 -3.20 -13.98 10.80
N ARG A 198 -1.88 -13.80 10.83
CA ARG A 198 -1.05 -14.40 11.89
C ARG A 198 -1.47 -13.86 13.26
N LEU A 199 -1.72 -12.55 13.32
CA LEU A 199 -2.25 -11.90 14.50
C LEU A 199 -3.57 -12.48 15.04
N ALA A 200 -4.42 -13.05 14.18
CA ALA A 200 -5.67 -13.64 14.68
C ALA A 200 -5.48 -15.10 15.07
N MET A 201 -4.28 -15.63 14.84
CA MET A 201 -3.98 -17.04 15.08
C MET A 201 -3.35 -17.18 16.43
N GLU A 202 -3.43 -18.39 16.97
CA GLU A 202 -2.70 -18.77 18.15
C GLU A 202 -1.20 -18.66 17.92
N GLU A 203 -0.47 -18.32 18.97
CA GLU A 203 0.99 -18.32 18.94
C GLU A 203 1.49 -19.71 18.52
N THR A 204 2.52 -19.74 17.68
CA THR A 204 3.04 -21.02 17.24
C THR A 204 4.56 -20.98 17.11
N PHE A 205 5.20 -22.11 17.38
CA PHE A 205 6.64 -22.22 17.18
C PHE A 205 6.94 -22.57 15.73
N LEU A 206 5.91 -22.86 14.95
CA LEU A 206 6.05 -23.31 13.57
C LEU A 206 5.71 -22.16 12.62
N LYS A 207 6.01 -22.29 11.34
CA LYS A 207 5.51 -21.32 10.36
C LYS A 207 3.98 -21.31 10.36
N PRO A 208 3.38 -20.12 10.26
CA PRO A 208 1.91 -20.08 10.38
C PRO A 208 1.15 -20.75 9.22
N PHE A 209 1.65 -20.63 8.00
CA PHE A 209 0.93 -21.15 6.84
C PHE A 209 1.74 -22.22 6.08
N GLN A 210 1.10 -22.88 5.14
CA GLN A 210 1.76 -23.95 4.37
C GLN A 210 2.18 -23.54 2.96
N SER A 211 1.32 -23.72 1.97
CA SER A 211 1.71 -23.52 0.57
C SER A 211 1.11 -22.27 -0.06
N LEU A 212 1.98 -21.51 -0.70
CA LEU A 212 1.56 -20.32 -1.40
C LEU A 212 2.04 -20.42 -2.84
N ILE A 213 1.14 -20.16 -3.79
CA ILE A 213 1.52 -20.11 -5.20
C ILE A 213 1.29 -18.71 -5.74
N PHE A 214 2.36 -18.07 -6.22
CA PHE A 214 2.24 -16.83 -6.97
C PHE A 214 1.86 -17.18 -8.40
N LEU A 215 0.59 -17.00 -8.75
CA LEU A 215 0.15 -17.25 -10.11
C LEU A 215 0.10 -15.96 -10.92
N VAL A 216 1.03 -15.81 -11.86
CA VAL A 216 1.06 -14.59 -12.66
C VAL A 216 0.22 -14.80 -13.94
N ARG A 217 -0.97 -14.22 -13.97
CA ARG A 217 -1.80 -14.19 -15.16
C ARG A 217 -1.21 -13.25 -16.21
N ASP A 218 -1.48 -13.56 -17.49
CA ASP A 218 -1.04 -12.71 -18.59
C ASP A 218 0.47 -12.42 -18.59
N TRP A 219 1.28 -13.38 -18.15
CA TRP A 219 2.72 -13.24 -18.24
C TRP A 219 3.08 -12.95 -19.68
N SER A 220 3.89 -11.92 -19.89
CA SER A 220 4.17 -11.45 -21.26
C SER A 220 5.59 -11.70 -21.76
N PHE A 221 6.42 -12.36 -20.97
CA PHE A 221 7.83 -12.49 -21.31
C PHE A 221 8.39 -13.91 -21.31
N PRO A 222 7.79 -14.82 -22.11
CA PRO A 222 8.26 -16.20 -22.12
C PRO A 222 9.73 -16.32 -22.58
N TYR A 223 10.19 -15.39 -23.42
CA TYR A 223 11.58 -15.34 -23.84
C TYR A 223 12.58 -15.00 -22.71
N GLU A 224 12.08 -14.46 -21.62
CA GLU A 224 12.90 -14.11 -20.45
C GLU A 224 12.78 -15.18 -19.37
N PHE A 225 11.54 -15.58 -19.06
CA PHE A 225 11.28 -16.75 -18.20
C PHE A 225 10.14 -17.54 -18.84
N SER A 226 10.34 -18.85 -19.06
CA SER A 226 9.34 -19.68 -19.72
C SER A 226 7.99 -19.71 -19.00
N TYR A 227 6.91 -19.86 -19.76
CA TYR A 227 5.60 -20.14 -19.17
C TYR A 227 5.71 -21.38 -18.29
N GLY A 228 4.89 -21.46 -17.22
CA GLY A 228 4.92 -22.63 -16.36
C GLY A 228 5.64 -22.50 -15.04
N ALA A 229 5.85 -23.65 -14.37
CA ALA A 229 6.43 -23.72 -13.03
C ALA A 229 7.93 -23.49 -12.95
N ASP A 230 8.67 -23.92 -13.97
CA ASP A 230 10.12 -23.76 -13.99
C ASP A 230 10.54 -22.32 -14.24
N GLY A 231 9.96 -21.68 -15.25
CA GLY A 231 10.19 -20.26 -15.47
C GLY A 231 9.75 -19.50 -14.23
N GLY A 232 8.57 -19.85 -13.73
CA GLY A 232 8.04 -19.22 -12.54
C GLY A 232 8.99 -19.31 -11.36
N ALA A 233 9.54 -20.49 -11.13
CA ALA A 233 10.46 -20.65 -10.00
C ALA A 233 11.69 -19.76 -10.14
N LYS A 234 12.30 -19.74 -11.33
CA LYS A 234 13.47 -18.88 -11.52
C LYS A 234 13.13 -17.40 -11.33
N PHE A 235 11.99 -16.99 -11.87
CA PHE A 235 11.53 -15.59 -11.74
C PHE A 235 11.30 -15.20 -10.28
N LEU A 236 10.58 -16.05 -9.54
CA LEU A 236 10.26 -15.73 -8.15
C LEU A 236 11.50 -15.78 -7.25
N GLU A 237 12.41 -16.71 -7.55
CA GLU A 237 13.62 -16.82 -6.76
C GLU A 237 14.33 -15.46 -6.77
N LYS A 238 14.43 -14.87 -7.96
CA LYS A 238 15.05 -13.56 -8.11
C LYS A 238 14.22 -12.45 -7.43
N ARG A 239 12.90 -12.49 -7.63
CA ARG A 239 12.01 -11.48 -7.02
C ARG A 239 12.07 -11.46 -5.48
N LEU A 240 12.21 -12.63 -4.86
CA LEU A 240 12.16 -12.69 -3.38
C LEU A 240 13.51 -12.84 -2.67
N LYS A 241 14.60 -12.94 -3.42
CA LYS A 241 15.91 -13.21 -2.82
C LYS A 241 16.33 -12.07 -1.91
N VAL A 242 16.78 -12.43 -0.71
CA VAL A 242 17.29 -11.43 0.23
C VAL A 242 18.80 -11.34 0.14
N SER A 243 19.30 -10.14 -0.10
CA SER A 243 20.74 -9.92 -0.14
C SER A 243 21.16 -8.81 0.83
N GLY A 244 22.36 -8.93 1.39
CA GLY A 244 22.87 -7.95 2.36
C GLY A 244 22.98 -6.55 1.78
N ASN A 245 22.95 -6.45 0.47
CA ASN A 245 23.08 -5.17 -0.23
C ASN A 245 21.74 -4.47 -0.43
N GLN A 246 20.65 -5.18 -0.15
CA GLN A 246 19.33 -4.60 -0.24
C GLN A 246 19.03 -3.65 0.89
N HIS A 247 18.26 -2.61 0.58
CA HIS A 247 17.71 -1.72 1.58
C HIS A 247 16.86 -2.59 2.53
N GLU A 248 16.90 -2.24 3.81
CA GLU A 248 16.22 -2.97 4.89
C GLU A 248 14.74 -3.18 4.59
N GLU A 249 14.13 -2.16 4.00
CA GLU A 249 12.70 -2.23 3.68
C GLU A 249 12.40 -3.38 2.70
N LEU A 250 13.25 -3.54 1.69
CA LEU A 250 13.12 -4.62 0.73
C LEU A 250 13.43 -5.99 1.32
N GLN A 251 14.46 -6.05 2.15
CA GLN A 251 14.82 -7.29 2.84
C GLN A 251 13.68 -7.75 3.73
N ASN A 252 13.10 -6.80 4.45
CA ASN A 252 12.10 -7.15 5.46
C ASN A 252 10.80 -7.73 4.90
N VAL A 253 10.27 -7.18 3.81
CA VAL A 253 9.07 -7.76 3.22
CA VAL A 253 9.07 -7.75 3.22
C VAL A 253 9.35 -9.19 2.79
N ARG A 254 10.56 -9.42 2.29
CA ARG A 254 10.92 -10.74 1.81
C ARG A 254 11.09 -11.74 2.94
N LYS A 255 11.77 -11.32 4.02
CA LYS A 255 11.97 -12.19 5.18
C LYS A 255 10.63 -12.59 5.77
N HIS A 256 9.70 -11.63 5.86
CA HIS A 256 8.37 -11.92 6.39
C HIS A 256 7.64 -12.98 5.56
N ILE A 257 7.58 -12.78 4.25
CA ILE A 257 6.94 -13.75 3.37
C ILE A 257 7.56 -15.16 3.46
N HIS A 258 8.90 -15.26 3.47
CA HIS A 258 9.54 -16.56 3.56
C HIS A 258 9.21 -17.22 4.89
N SER A 259 9.15 -16.40 5.94
CA SER A 259 8.82 -16.89 7.29
C SER A 259 7.37 -17.38 7.46
N CYS A 260 6.45 -16.93 6.60
CA CYS A 260 5.05 -17.31 6.74
C CYS A 260 4.67 -18.66 6.16
N PHE A 261 5.38 -19.08 5.11
CA PHE A 261 4.96 -20.26 4.36
C PHE A 261 6.01 -21.35 4.30
N THR A 262 5.55 -22.58 4.49
CA THR A 262 6.40 -23.73 4.37
C THR A 262 6.86 -23.93 2.91
N ASN A 263 5.99 -23.62 1.97
CA ASN A 263 6.36 -23.79 0.56
C ASN A 263 5.86 -22.65 -0.31
N ILE A 264 6.77 -22.09 -1.08
CA ILE A 264 6.41 -21.00 -1.97
C ILE A 264 6.80 -21.32 -3.39
N SER A 265 5.83 -21.23 -4.29
CA SER A 265 6.01 -21.57 -5.69
C SER A 265 5.45 -20.49 -6.59
N CYS A 266 5.69 -20.63 -7.89
CA CYS A 266 5.26 -19.60 -8.84
C CYS A 266 5.03 -20.21 -10.23
N PHE A 267 3.93 -19.83 -10.88
CA PHE A 267 3.60 -20.34 -12.22
C PHE A 267 3.28 -19.16 -13.13
N LEU A 268 3.91 -19.11 -14.31
CA LEU A 268 3.67 -18.04 -15.26
C LEU A 268 2.69 -18.51 -16.33
N LEU A 269 1.54 -17.85 -16.42
CA LEU A 269 0.49 -18.28 -17.34
C LEU A 269 0.34 -17.26 -18.46
N PRO A 270 0.23 -17.73 -19.70
CA PRO A 270 0.00 -16.86 -20.85
C PRO A 270 -1.37 -16.20 -20.78
N HIS A 271 -1.50 -15.09 -21.51
CA HIS A 271 -2.79 -14.44 -21.70
C HIS A 271 -3.68 -15.43 -22.43
N PRO A 272 -4.97 -15.53 -22.04
CA PRO A 272 -5.93 -16.49 -22.65
C PRO A 272 -6.47 -16.00 -24.00
N GLY A 273 -6.07 -14.80 -24.40
CA GLY A 273 -6.56 -14.18 -25.61
C GLY A 273 -7.51 -13.01 -25.39
N LEU A 274 -7.57 -12.11 -26.35
CA LEU A 274 -8.32 -10.88 -26.19
C LEU A 274 -9.84 -11.09 -26.15
N LYS A 275 -10.31 -12.18 -26.74
CA LYS A 275 -11.73 -12.54 -26.73
C LYS A 275 -12.19 -12.88 -25.31
N VAL A 276 -11.38 -13.66 -24.60
CA VAL A 276 -11.68 -14.03 -23.22
C VAL A 276 -11.81 -12.76 -22.39
N ALA A 277 -10.96 -11.79 -22.68
CA ALA A 277 -10.95 -10.55 -21.89
C ALA A 277 -12.04 -9.55 -22.30
N THR A 278 -12.33 -9.46 -23.59
CA THR A 278 -13.11 -8.32 -24.06
C THR A 278 -14.51 -8.64 -24.64
N ASN A 279 -14.74 -9.88 -25.05
CA ASN A 279 -16.00 -10.28 -25.67
C ASN A 279 -17.10 -10.52 -24.65
N PRO A 280 -18.18 -9.70 -24.67
CA PRO A 280 -19.23 -9.84 -23.65
C PRO A 280 -20.02 -11.13 -23.74
N ASN A 281 -19.95 -11.79 -24.88
CA ASN A 281 -20.67 -13.04 -25.04
C ASN A 281 -19.84 -14.28 -24.78
N PHE A 282 -18.54 -14.09 -24.52
CA PHE A 282 -17.67 -15.20 -24.17
C PHE A 282 -18.22 -15.92 -22.94
N ASP A 283 -18.39 -17.23 -23.02
CA ASP A 283 -18.94 -18.00 -21.90
C ASP A 283 -18.04 -19.15 -21.43
N GLY A 284 -16.74 -19.03 -21.71
CA GLY A 284 -15.78 -19.96 -21.15
C GLY A 284 -15.47 -21.17 -22.01
N LYS A 285 -15.90 -21.19 -23.27
CA LYS A 285 -15.61 -22.33 -24.14
C LYS A 285 -14.13 -22.39 -24.54
N LEU A 286 -13.53 -23.56 -24.41
CA LEU A 286 -12.12 -23.74 -24.76
C LEU A 286 -11.76 -23.36 -26.21
N LYS A 287 -12.69 -23.58 -27.12
CA LYS A 287 -12.47 -23.25 -28.54
C LYS A 287 -12.25 -21.76 -28.78
N GLU A 288 -12.62 -20.96 -27.79
CA GLU A 288 -12.44 -19.51 -27.87
C GLU A 288 -11.26 -19.04 -27.01
N ILE A 289 -10.53 -19.99 -26.44
CA ILE A 289 -9.39 -19.69 -25.59
C ILE A 289 -8.09 -20.07 -26.31
N ASP A 290 -7.08 -19.20 -26.18
CA ASP A 290 -5.79 -19.42 -26.85
C ASP A 290 -5.24 -20.78 -26.46
N ASP A 291 -4.77 -21.54 -27.45
CA ASP A 291 -4.31 -22.90 -27.23
C ASP A 291 -3.09 -23.01 -26.32
N GLU A 292 -2.20 -22.02 -26.39
CA GLU A 292 -1.04 -21.96 -25.51
C GLU A 292 -1.46 -21.76 -24.04
N PHE A 293 -2.50 -20.97 -23.83
CA PHE A 293 -3.08 -20.84 -22.49
C PHE A 293 -3.58 -22.20 -22.02
N ILE A 294 -4.32 -22.87 -22.90
CA ILE A 294 -4.89 -24.18 -22.58
C ILE A 294 -3.80 -25.17 -22.27
N LYS A 295 -2.74 -25.14 -23.06
CA LYS A 295 -1.63 -26.03 -22.86
C LYS A 295 -1.05 -25.84 -21.46
N ASN A 296 -0.82 -24.59 -21.08
CA ASN A 296 -0.28 -24.32 -19.76
C ASN A 296 -1.27 -24.54 -18.62
N LEU A 297 -2.54 -24.27 -18.89
CA LEU A 297 -3.60 -24.52 -17.92
C LEU A 297 -3.63 -26.00 -17.55
N LYS A 298 -3.46 -26.85 -18.56
CA LYS A 298 -3.56 -28.29 -18.39
C LYS A 298 -2.45 -28.87 -17.53
N ILE A 299 -1.30 -28.21 -17.53
CA ILE A 299 -0.24 -28.49 -16.57
C ILE A 299 -0.54 -27.89 -15.20
N LEU A 300 -0.97 -26.64 -15.21
CA LEU A 300 -1.16 -25.89 -13.97
C LEU A 300 -2.08 -26.57 -12.97
N ILE A 301 -3.25 -27.00 -13.42
CA ILE A 301 -4.28 -27.54 -12.50
C ILE A 301 -3.81 -28.82 -11.76
N PRO A 302 -3.30 -29.83 -12.49
CA PRO A 302 -2.80 -31.00 -11.73
C PRO A 302 -1.54 -30.72 -10.90
N TRP A 303 -0.70 -29.79 -11.34
CA TRP A 303 0.45 -29.33 -10.57
C TRP A 303 -0.04 -28.73 -9.24
N LEU A 304 -1.13 -27.97 -9.30
CA LEU A 304 -1.80 -27.51 -8.08
C LEU A 304 -2.52 -28.63 -7.31
N LEU A 305 -3.23 -29.50 -8.02
CA LEU A 305 -4.23 -30.35 -7.37
C LEU A 305 -4.07 -31.89 -7.43
N SER A 306 -3.01 -32.40 -8.05
CA SER A 306 -2.82 -33.86 -8.12
C SER A 306 -2.63 -34.46 -6.73
N PRO A 307 -3.08 -35.71 -6.54
CA PRO A 307 -3.07 -36.35 -5.21
C PRO A 307 -1.76 -36.22 -4.43
N GLU A 308 -0.60 -36.22 -5.09
CA GLU A 308 0.66 -36.03 -4.35
C GLU A 308 0.81 -34.58 -3.89
N SER A 309 0.21 -33.65 -4.63
CA SER A 309 0.36 -32.23 -4.34
C SER A 309 -0.57 -31.73 -3.23
N LEU A 310 -1.55 -32.55 -2.86
CA LEU A 310 -2.57 -32.19 -1.87
C LEU A 310 -2.06 -32.30 -0.43
N ASP A 311 -1.61 -31.18 0.14
CA ASP A 311 -1.17 -31.16 1.54
C ASP A 311 -2.34 -31.01 2.51
N ILE A 312 -2.39 -31.91 3.48
CA ILE A 312 -3.39 -31.83 4.53
C ILE A 312 -3.15 -30.62 5.41
N LYS A 313 -4.23 -29.87 5.65
CA LYS A 313 -4.17 -28.66 6.44
C LYS A 313 -3.63 -28.95 7.85
N GLU A 314 -2.67 -28.14 8.29
CA GLU A 314 -2.19 -28.25 9.65
C GLU A 314 -2.32 -26.89 10.32
N ILE A 315 -2.67 -26.92 11.59
CA ILE A 315 -2.69 -25.70 12.39
C ILE A 315 -1.91 -25.98 13.67
N ASN A 316 -0.87 -25.17 13.89
CA ASN A 316 -0.01 -25.34 15.05
C ASN A 316 0.49 -26.81 15.24
N GLY A 317 0.83 -27.47 14.13
CA GLY A 317 1.40 -28.81 14.15
C GLY A 317 0.45 -30.01 14.20
N ASN A 318 -0.85 -29.74 14.19
CA ASN A 318 -1.85 -30.81 14.15
C ASN A 318 -2.51 -30.84 12.79
N LYS A 319 -2.65 -32.04 12.24
CA LYS A 319 -3.44 -32.19 11.03
C LYS A 319 -4.91 -32.00 11.39
N ILE A 320 -5.61 -31.28 10.52
CA ILE A 320 -6.97 -30.85 10.82
C ILE A 320 -7.97 -31.61 9.98
N THR A 321 -9.09 -31.97 10.60
CA THR A 321 -10.18 -32.62 9.87
C THR A 321 -11.22 -31.60 9.39
N CYS A 322 -12.21 -32.09 8.67
CA CYS A 322 -13.34 -31.26 8.25
C CYS A 322 -14.05 -30.69 9.48
N ARG A 323 -14.25 -31.52 10.50
CA ARG A 323 -14.89 -31.06 11.72
C ARG A 323 -14.07 -29.97 12.38
N GLY A 324 -12.75 -30.18 12.41
CA GLY A 324 -11.85 -29.22 12.99
C GLY A 324 -11.84 -27.91 12.25
N LEU A 325 -11.91 -27.99 10.92
CA LEU A 325 -11.81 -26.80 10.09
C LEU A 325 -13.01 -25.87 10.31
N VAL A 326 -14.18 -26.46 10.51
CA VAL A 326 -15.36 -25.68 10.84
C VAL A 326 -15.13 -24.93 12.15
N GLU A 327 -14.55 -25.60 13.14
CA GLU A 327 -14.29 -24.98 14.44
C GLU A 327 -13.36 -23.76 14.34
N TYR A 328 -12.30 -23.88 13.55
CA TYR A 328 -11.37 -22.75 13.37
C TYR A 328 -12.00 -21.62 12.60
N PHE A 329 -12.84 -21.97 11.64
CA PHE A 329 -13.53 -20.98 10.82
C PHE A 329 -14.41 -20.07 11.69
N LYS A 330 -15.15 -20.67 12.62
CA LYS A 330 -15.97 -19.88 13.54
C LYS A 330 -15.08 -19.08 14.49
N ALA A 331 -14.04 -19.73 15.00
CA ALA A 331 -13.17 -19.09 15.99
C ALA A 331 -12.40 -17.92 15.39
N TYR A 332 -11.89 -18.08 14.17
CA TYR A 332 -11.15 -17.01 13.51
C TYR A 332 -12.02 -15.79 13.17
N ILE A 333 -13.18 -16.03 12.60
CA ILE A 333 -14.15 -14.98 12.29
C ILE A 333 -14.57 -14.18 13.52
N LYS A 334 -14.73 -14.86 14.66
CA LYS A 334 -15.13 -14.22 15.88
C LYS A 334 -14.06 -13.22 16.33
N ILE A 335 -12.80 -13.58 16.12
CA ILE A 335 -11.69 -12.68 16.44
C ILE A 335 -11.79 -11.44 15.53
N TYR A 336 -12.04 -11.66 14.24
CA TYR A 336 -12.21 -10.54 13.31
C TYR A 336 -13.49 -9.70 13.54
N GLN A 337 -14.53 -10.32 14.10
CA GLN A 337 -15.80 -9.64 14.41
C GLN A 337 -15.65 -8.64 15.55
N GLY A 338 -14.67 -8.86 16.43
CA GLY A 338 -14.50 -8.01 17.59
C GLY A 338 -13.39 -6.99 17.38
N GLU A 339 -13.07 -6.22 18.42
CA GLU A 339 -12.09 -5.14 18.33
C GLU A 339 -10.84 -5.42 19.15
N GLU A 340 -10.65 -6.69 19.49
CA GLU A 340 -9.48 -7.12 20.23
C GLU A 340 -8.20 -7.15 19.38
N LEU A 341 -8.33 -6.86 18.09
CA LEU A 341 -7.18 -6.71 17.22
C LEU A 341 -7.07 -5.30 16.64
N PRO A 342 -5.83 -4.86 16.35
CA PRO A 342 -5.55 -3.59 15.66
C PRO A 342 -5.92 -3.72 14.20
N HIS A 343 -6.80 -2.87 13.71
CA HIS A 343 -7.21 -3.01 12.32
C HIS A 343 -6.38 -2.14 11.36
N PRO A 344 -6.07 -2.67 10.18
CA PRO A 344 -5.26 -1.98 9.18
C PRO A 344 -5.96 -0.75 8.61
N LYS A 345 -5.17 0.30 8.35
CA LYS A 345 -5.65 1.54 7.76
C LYS A 345 -4.92 1.81 6.44
N SER A 346 -5.54 2.64 5.60
CA SER A 346 -4.95 3.10 4.35
C SER A 346 -3.61 3.73 4.61
N MET A 347 -2.75 3.75 3.60
CA MET A 347 -1.39 4.19 3.80
C MET A 347 -1.34 5.63 4.27
N LEU A 348 -2.20 6.48 3.73
CA LEU A 348 -2.20 7.86 4.19
C LEU A 348 -2.66 7.95 5.64
N GLN A 349 -3.79 7.30 5.95
CA GLN A 349 -4.37 7.34 7.28
C GLN A 349 -3.40 6.80 8.34
N ALA A 350 -2.80 5.64 8.07
CA ALA A 350 -1.86 5.00 8.99
C ALA A 350 -0.63 5.85 9.22
N THR A 351 -0.10 6.42 8.14
CA THR A 351 1.04 7.31 8.29
C THR A 351 0.62 8.58 9.03
N ALA A 352 -0.58 9.06 8.72
CA ALA A 352 -1.09 10.27 9.38
C ALA A 352 -1.19 10.10 10.89
N GLU A 353 -1.64 8.94 11.34
CA GLU A 353 -1.79 8.67 12.76
C GLU A 353 -0.42 8.56 13.42
N ALA A 354 0.49 7.87 12.74
CA ALA A 354 1.84 7.68 13.25
C ALA A 354 2.55 9.02 13.43
N ASN A 355 2.47 9.88 12.41
CA ASN A 355 3.09 11.20 12.46
C ASN A 355 2.51 11.96 13.64
N ASN A 356 1.21 11.84 13.83
CA ASN A 356 0.53 12.55 14.91
C ASN A 356 0.87 12.08 16.31
N LEU A 357 0.90 10.76 16.51
CA LEU A 357 1.30 10.22 17.80
C LEU A 357 2.74 10.64 18.13
N ALA A 358 3.60 10.64 17.11
CA ALA A 358 5.00 10.98 17.32
C ALA A 358 5.13 12.45 17.73
N ALA A 359 4.41 13.32 17.04
CA ALA A 359 4.43 14.74 17.36
C ALA A 359 3.82 15.07 18.72
N VAL A 360 2.82 14.29 19.16
CA VAL A 360 2.28 14.52 20.51
C VAL A 360 3.38 14.23 21.53
N ALA A 361 4.07 13.11 21.32
CA ALA A 361 5.13 12.71 22.23
C ALA A 361 6.25 13.76 22.32
N THR A 362 6.73 14.22 21.17
CA THR A 362 7.86 15.15 21.14
C THR A 362 7.50 16.46 21.84
N ALA A 363 6.31 16.96 21.50
CA ALA A 363 5.82 18.20 22.09
C ALA A 363 5.64 18.06 23.60
N LYS A 364 5.13 16.92 24.04
CA LYS A 364 4.89 16.69 25.46
C LYS A 364 6.22 16.60 26.21
N ASP A 365 7.16 15.83 25.66
CA ASP A 365 8.46 15.64 26.29
C ASP A 365 9.22 16.96 26.38
N THR A 366 9.09 17.78 25.35
CA THR A 366 9.73 19.08 25.34
C THR A 366 9.21 19.95 26.48
N TYR A 367 7.89 19.96 26.64
CA TYR A 367 7.24 20.69 27.73
C TYR A 367 7.71 20.19 29.08
N ASN A 368 7.60 18.88 29.26
CA ASN A 368 7.95 18.24 30.52
C ASN A 368 9.38 18.55 30.95
N LYS A 369 10.34 18.38 30.04
CA LYS A 369 11.75 18.61 30.36
C LYS A 369 12.03 20.04 30.80
N LYS A 370 11.42 21.00 30.14
CA LYS A 370 11.63 22.39 30.50
C LYS A 370 10.99 22.79 31.84
N MET A 371 9.82 22.24 32.12
CA MET A 371 9.19 22.39 33.44
C MET A 371 10.04 21.74 34.54
N GLU A 372 10.62 20.59 34.22
CA GLU A 372 11.46 19.85 35.15
C GLU A 372 12.65 20.71 35.56
N GLU A 373 13.17 21.48 34.61
CA GLU A 373 14.28 22.39 34.85
C GLU A 373 13.89 23.52 35.79
N ILE A 374 12.60 23.77 35.84
CA ILE A 374 12.03 24.90 36.54
C ILE A 374 11.44 24.48 37.90
N CYS A 375 10.86 23.28 37.98
CA CYS A 375 10.22 22.83 39.22
C CYS A 375 10.45 21.36 39.55
N GLY A 376 11.55 20.79 39.06
CA GLY A 376 11.93 19.45 39.46
C GLY A 376 12.21 19.37 40.94
N GLY A 377 12.41 18.16 41.44
CA GLY A 377 12.56 17.96 42.87
C GLY A 377 13.73 18.67 43.49
N ASP A 378 14.80 18.84 42.72
CA ASP A 378 15.99 19.48 43.27
C ASP A 378 16.04 20.98 42.92
N LYS A 379 14.88 21.56 42.64
CA LYS A 379 14.78 22.97 42.30
C LYS A 379 13.92 23.69 43.33
N PRO A 380 14.21 24.97 43.60
CA PRO A 380 13.49 25.68 44.66
C PRO A 380 12.03 25.99 44.34
N PHE A 381 11.24 26.18 45.38
CA PHE A 381 9.85 26.60 45.28
C PHE A 381 9.76 27.88 44.44
N LEU A 382 8.75 27.94 43.59
CA LEU A 382 8.46 29.11 42.78
C LEU A 382 7.13 29.64 43.23
N ALA A 383 6.96 30.96 43.18
CA ALA A 383 5.68 31.55 43.50
C ALA A 383 4.64 30.88 42.60
N PRO A 384 3.47 30.56 43.17
CA PRO A 384 2.45 29.86 42.38
C PRO A 384 2.11 30.59 41.08
N ASN A 385 2.03 31.92 41.12
CA ASN A 385 1.68 32.67 39.91
C ASN A 385 2.75 32.63 38.84
N ASP A 386 4.01 32.64 39.28
CA ASP A 386 5.16 32.51 38.39
C ASP A 386 5.16 31.14 37.73
N LEU A 387 4.83 30.11 38.50
CA LEU A 387 4.78 28.76 37.95
C LEU A 387 3.73 28.75 36.86
N GLN A 388 2.58 29.36 37.12
CA GLN A 388 1.51 29.38 36.12
C GLN A 388 1.97 30.05 34.83
N THR A 389 2.71 31.14 34.99
CA THR A 389 3.14 31.93 33.86
C THR A 389 4.15 31.17 33.02
N LYS A 390 5.07 30.49 33.70
CA LYS A 390 6.07 29.69 33.00
C LYS A 390 5.40 28.53 32.26
N HIS A 391 4.45 27.89 32.94
CA HIS A 391 3.68 26.79 32.35
C HIS A 391 2.93 27.24 31.10
N LEU A 392 2.25 28.38 31.18
CA LEU A 392 1.48 28.89 30.05
C LEU A 392 2.39 29.17 28.85
N GLN A 393 3.56 29.72 29.12
CA GLN A 393 4.55 29.94 28.08
C GLN A 393 5.01 28.63 27.44
N LEU A 394 5.45 27.70 28.28
CA LEU A 394 6.02 26.44 27.81
C LEU A 394 4.98 25.57 27.11
N LYS A 395 3.73 25.62 27.59
CA LYS A 395 2.64 24.92 26.91
C LYS A 395 2.45 25.52 25.53
N GLU A 396 2.48 26.85 25.44
CA GLU A 396 2.28 27.49 24.15
C GLU A 396 3.41 27.15 23.16
N GLU A 397 4.64 27.09 23.66
CA GLU A 397 5.79 26.74 22.84
C GLU A 397 5.63 25.34 22.30
N SER A 398 5.13 24.43 23.14
CA SER A 398 4.87 23.05 22.71
C SER A 398 3.74 22.94 21.70
N VAL A 399 2.75 23.82 21.81
CA VAL A 399 1.68 23.82 20.82
C VAL A 399 2.24 24.21 19.46
N LYS A 400 3.03 25.28 19.43
CA LYS A 400 3.66 25.74 18.20
C LYS A 400 4.58 24.67 17.62
N LEU A 401 5.32 24.01 18.50
CA LEU A 401 6.21 22.94 18.06
C LEU A 401 5.38 21.89 17.33
N PHE A 402 4.24 21.51 17.93
CA PHE A 402 3.38 20.50 17.34
C PHE A 402 2.84 20.92 15.98
N ARG A 403 2.34 22.15 15.91
CA ARG A 403 1.77 22.66 14.66
C ARG A 403 2.87 22.80 13.61
N GLY A 404 4.10 22.99 14.05
CA GLY A 404 5.20 23.20 13.13
C GLY A 404 5.64 21.98 12.38
N VAL A 405 5.36 20.79 12.92
CA VAL A 405 5.83 19.52 12.34
C VAL A 405 4.98 19.10 11.16
N LYS A 406 5.60 18.88 10.01
CA LYS A 406 4.86 18.45 8.84
C LYS A 406 4.37 17.02 9.01
N LYS A 407 3.10 16.80 8.71
CA LYS A 407 2.47 15.49 8.86
C LYS A 407 1.44 15.29 7.77
N MET A 408 1.25 14.05 7.35
CA MET A 408 0.09 13.70 6.54
C MET A 408 -1.09 13.53 7.49
N GLY A 409 -2.32 13.89 7.12
CA GLY A 409 -2.60 14.83 6.07
C GLY A 409 -3.54 15.89 6.63
N GLY A 410 -3.01 17.11 6.82
CA GLY A 410 -3.81 18.27 7.19
C GLY A 410 -3.98 18.57 8.66
N GLU A 411 -4.41 19.79 8.97
CA GLU A 411 -4.69 20.21 10.34
C GLU A 411 -5.91 19.48 10.82
N GLU A 412 -6.81 19.24 9.85
CA GLU A 412 -8.10 18.64 10.11
C GLU A 412 -7.91 17.32 10.81
N PHE A 413 -7.03 16.49 10.28
CA PHE A 413 -6.71 15.23 10.91
C PHE A 413 -6.02 15.43 12.27
N SER A 414 -5.33 16.56 12.44
CA SER A 414 -4.51 16.78 13.63
C SER A 414 -5.21 17.48 14.80
N ARG A 415 -6.40 18.05 14.57
CA ARG A 415 -7.07 18.83 15.61
C ARG A 415 -7.35 17.97 16.85
N ARG A 416 -7.71 16.71 16.61
CA ARG A 416 -7.90 15.74 17.67
C ARG A 416 -6.63 15.56 18.49
N TYR A 417 -5.52 15.36 17.80
CA TYR A 417 -4.25 15.14 18.48
C TYR A 417 -3.75 16.41 19.16
N LEU A 418 -3.97 17.56 18.55
CA LEU A 418 -3.60 18.84 19.18
C LEU A 418 -4.35 19.05 20.49
N GLN A 419 -5.65 18.83 20.47
CA GLN A 419 -6.46 19.00 21.67
C GLN A 419 -6.01 18.00 22.74
N GLN A 420 -5.69 16.78 22.33
CA GLN A 420 -5.18 15.75 23.25
C GLN A 420 -3.87 16.22 23.89
N LEU A 421 -3.00 16.79 23.07
CA LEU A 421 -1.73 17.31 23.54
C LEU A 421 -1.94 18.36 24.64
N GLU A 422 -2.84 19.29 24.38
CA GLU A 422 -3.15 20.35 25.35
C GLU A 422 -3.73 19.82 26.68
N SER A 423 -4.60 18.82 26.59
CA SER A 423 -5.21 18.22 27.77
C SER A 423 -4.17 17.51 28.61
N GLU A 424 -3.29 16.75 27.96
CA GLU A 424 -2.27 16.01 28.67
C GLU A 424 -1.27 16.96 29.32
N ILE A 425 -0.97 18.06 28.65
CA ILE A 425 -0.08 19.05 29.23
C ILE A 425 -0.73 19.62 30.49
N ASP A 426 -2.05 19.85 30.43
CA ASP A 426 -2.81 20.35 31.56
C ASP A 426 -2.76 19.39 32.77
N GLU A 427 -2.82 18.10 32.49
CA GLU A 427 -2.66 17.08 33.53
C GLU A 427 -1.28 17.15 34.18
N LEU A 428 -0.23 17.26 33.37
CA LEU A 428 1.14 17.33 33.88
C LEU A 428 1.31 18.53 34.80
N TYR A 429 0.72 19.64 34.37
CA TYR A 429 0.79 20.89 35.14
C TYR A 429 0.18 20.71 36.52
N ILE A 430 -0.96 20.04 36.57
CA ILE A 430 -1.62 19.77 37.84
C ILE A 430 -0.67 19.03 38.78
N GLN A 431 0.09 18.07 38.24
CA GLN A 431 1.06 17.34 39.06
C GLN A 431 2.20 18.24 39.55
N TYR A 432 2.70 19.10 38.66
CA TYR A 432 3.73 20.07 39.01
C TYR A 432 3.32 21.01 40.15
N ILE A 433 2.07 21.46 40.14
CA ILE A 433 1.58 22.38 41.16
C ILE A 433 1.70 21.73 42.54
N LYS A 434 1.30 20.45 42.62
CA LYS A 434 1.33 19.70 43.85
C LYS A 434 2.76 19.52 44.36
N HIS A 435 3.68 19.26 43.45
CA HIS A 435 5.08 19.17 43.86
C HIS A 435 5.58 20.52 44.35
N ASN A 436 5.30 21.58 43.59
CA ASN A 436 5.80 22.89 43.96
C ASN A 436 5.29 23.31 45.34
N ASP A 437 3.99 23.08 45.58
CA ASP A 437 3.36 23.43 46.85
C ASP A 437 4.00 22.69 48.03
N SER A 438 4.28 21.41 47.86
CA SER A 438 4.85 20.60 48.93
C SER A 438 6.21 21.10 49.41
N LYS A 439 6.91 21.84 48.55
CA LYS A 439 8.23 22.41 48.88
C LYS A 439 8.12 23.51 49.91
N ASN A 440 6.91 24.06 50.05
CA ASN A 440 6.66 25.13 50.97
C ASN A 440 5.89 24.66 52.20
N ILE A 441 5.67 23.34 52.28
CA ILE A 441 5.16 22.74 53.50
C ILE A 441 6.17 22.89 54.63
N PHE A 442 5.90 23.82 55.54
CA PHE A 442 6.77 24.03 56.69
C PHE A 442 5.96 24.53 57.89
N LYS B 31 21.72 16.25 -32.47
CA LYS B 31 20.49 15.48 -32.61
C LYS B 31 19.77 15.30 -31.27
N ALA B 32 18.47 15.60 -31.26
CA ALA B 32 17.69 15.55 -30.03
C ALA B 32 17.63 14.13 -29.46
N GLY B 33 17.53 14.05 -28.14
CA GLY B 33 17.57 12.77 -27.43
C GLY B 33 17.14 12.90 -25.98
N PRO B 34 16.99 11.77 -25.29
CA PRO B 34 16.55 11.81 -23.89
C PRO B 34 17.66 12.30 -22.96
N VAL B 35 17.31 13.10 -21.97
CA VAL B 35 18.30 13.58 -21.00
C VAL B 35 17.95 13.23 -19.55
N GLN B 36 18.87 12.58 -18.87
CA GLN B 36 18.68 12.22 -17.46
C GLN B 36 18.81 13.49 -16.60
N VAL B 37 17.74 13.89 -15.92
CA VAL B 37 17.80 15.13 -15.14
C VAL B 37 17.74 14.88 -13.64
N LEU B 38 16.92 13.91 -13.24
CA LEU B 38 16.92 13.43 -11.87
C LEU B 38 17.53 12.04 -11.78
N ILE B 39 18.54 11.92 -10.94
CA ILE B 39 19.21 10.65 -10.72
C ILE B 39 18.85 10.10 -9.37
N VAL B 40 18.49 8.82 -9.34
CA VAL B 40 18.32 8.15 -8.06
C VAL B 40 19.52 7.25 -7.84
N LYS B 41 20.30 7.53 -6.80
CA LYS B 41 21.52 6.77 -6.55
C LYS B 41 21.19 5.41 -5.94
N ASP B 42 22.15 4.49 -6.01
CA ASP B 42 21.96 3.17 -5.41
C ASP B 42 21.78 3.22 -3.89
N ASP B 43 22.25 4.28 -3.25
CA ASP B 43 22.04 4.43 -1.80
C ASP B 43 20.72 5.18 -1.50
N HIS B 44 19.89 5.29 -2.55
CA HIS B 44 18.56 5.92 -2.48
C HIS B 44 18.55 7.42 -2.19
N SER B 45 19.70 8.06 -2.43
CA SER B 45 19.77 9.52 -2.39
C SER B 45 19.32 10.09 -3.74
N PHE B 46 18.87 11.33 -3.76
CA PHE B 46 18.45 11.95 -5.01
C PHE B 46 19.35 13.11 -5.43
N GLU B 47 19.74 13.13 -6.70
CA GLU B 47 20.54 14.25 -7.20
C GLU B 47 20.02 14.75 -8.54
N LEU B 48 19.97 16.07 -8.66
CA LEU B 48 19.54 16.73 -9.87
C LEU B 48 20.75 16.98 -10.74
N ASP B 49 20.64 16.74 -12.04
CA ASP B 49 21.75 17.14 -12.90
C ASP B 49 21.49 18.56 -13.42
N GLU B 50 21.97 19.55 -12.67
CA GLU B 50 21.74 20.95 -12.99
C GLU B 50 22.36 21.37 -14.33
N THR B 51 23.56 20.88 -14.63
CA THR B 51 24.22 21.22 -15.89
C THR B 51 23.35 20.79 -17.07
N ALA B 52 22.87 19.56 -17.02
CA ALA B 52 22.04 19.02 -18.08
C ALA B 52 20.70 19.74 -18.12
N LEU B 53 20.13 19.99 -16.95
CA LEU B 53 18.85 20.68 -16.87
C LEU B 53 19.00 22.11 -17.43
N ASN B 54 20.06 22.81 -17.03
CA ASN B 54 20.31 24.18 -17.47
C ASN B 54 20.55 24.27 -18.96
N ARG B 55 21.27 23.29 -19.49
CA ARG B 55 21.63 23.25 -20.89
C ARG B 55 20.35 23.23 -21.75
N ILE B 56 19.33 22.53 -21.26
CA ILE B 56 18.04 22.44 -21.94
C ILE B 56 17.09 23.63 -21.71
N LEU B 57 16.90 24.01 -20.44
CA LEU B 57 15.87 24.98 -20.09
C LEU B 57 16.34 26.42 -19.88
N LEU B 58 17.66 26.61 -19.83
CA LEU B 58 18.20 27.96 -19.69
C LEU B 58 18.75 28.46 -21.00
N SER B 59 18.48 27.73 -22.09
CA SER B 59 18.87 28.17 -23.40
C SER B 59 18.18 29.49 -23.74
N GLU B 60 18.88 30.35 -24.46
CA GLU B 60 18.40 31.70 -24.70
C GLU B 60 17.04 31.75 -25.41
N ALA B 61 16.82 30.81 -26.32
CA ALA B 61 15.56 30.72 -27.06
C ALA B 61 14.35 30.37 -26.21
N VAL B 62 14.55 29.70 -25.08
CA VAL B 62 13.42 29.23 -24.26
C VAL B 62 13.36 29.74 -22.80
N ARG B 63 14.46 30.29 -22.28
CA ARG B 63 14.54 30.53 -20.83
C ARG B 63 13.42 31.41 -20.27
N ASP B 64 13.03 32.43 -21.03
CA ASP B 64 11.97 33.35 -20.58
C ASP B 64 10.57 33.03 -21.12
N LYS B 65 10.47 31.98 -21.93
CA LYS B 65 9.16 31.53 -22.44
C LYS B 65 8.39 30.86 -21.32
N GLU B 66 7.07 31.05 -21.31
CA GLU B 66 6.21 30.31 -20.37
C GLU B 66 6.19 28.83 -20.75
N VAL B 67 6.09 27.96 -19.75
CA VAL B 67 6.34 26.55 -19.97
C VAL B 67 5.12 25.65 -19.70
N VAL B 68 4.95 24.64 -20.55
CA VAL B 68 3.98 23.56 -20.39
C VAL B 68 4.80 22.29 -20.24
N ALA B 69 4.51 21.51 -19.22
CA ALA B 69 5.29 20.32 -18.94
C ALA B 69 4.36 19.12 -18.89
N VAL B 70 4.64 18.13 -19.72
CA VAL B 70 3.79 16.95 -19.82
C VAL B 70 4.56 15.75 -19.34
N SER B 71 4.00 15.07 -18.34
CA SER B 71 4.67 13.95 -17.68
C SER B 71 3.81 12.70 -17.76
N VAL B 72 4.43 11.54 -17.68
CA VAL B 72 3.72 10.28 -17.54
CA VAL B 72 3.70 10.29 -17.53
C VAL B 72 4.30 9.59 -16.33
N ALA B 73 3.45 8.97 -15.51
CA ALA B 73 3.92 8.30 -14.30
C ALA B 73 2.96 7.17 -13.89
N GLY B 74 3.45 6.25 -13.08
CA GLY B 74 2.66 5.10 -12.66
C GLY B 74 3.47 3.82 -12.52
N ALA B 75 2.79 2.70 -12.36
CA ALA B 75 3.45 1.42 -12.10
C ALA B 75 4.43 1.07 -13.18
N PHE B 76 5.50 0.38 -12.79
CA PHE B 76 6.55 0.06 -13.76
C PHE B 76 6.15 -1.00 -14.77
N ARG B 77 6.86 -1.02 -15.89
CA ARG B 77 6.66 -2.00 -16.97
C ARG B 77 5.29 -1.94 -17.62
N LYS B 78 4.73 -0.75 -17.74
CA LYS B 78 3.37 -0.61 -18.23
C LYS B 78 3.19 0.23 -19.50
N GLY B 79 4.27 0.45 -20.25
CA GLY B 79 4.18 1.16 -21.52
C GLY B 79 4.23 2.69 -21.46
N LYS B 80 4.81 3.25 -20.39
CA LYS B 80 4.89 4.72 -20.27
C LYS B 80 5.83 5.39 -21.29
N SER B 81 7.04 4.86 -21.39
CA SER B 81 8.01 5.38 -22.35
C SER B 81 7.57 5.20 -23.81
N PHE B 82 6.98 4.04 -24.08
CA PHE B 82 6.37 3.72 -25.37
C PHE B 82 5.38 4.81 -25.78
N LEU B 83 4.49 5.19 -24.86
CA LEU B 83 3.50 6.25 -25.09
C LEU B 83 4.19 7.61 -25.32
N MET B 84 5.17 7.91 -24.51
CA MET B 84 5.93 9.15 -24.61
C MET B 84 6.55 9.27 -26.02
N ASP B 85 6.98 8.14 -26.57
CA ASP B 85 7.61 8.16 -27.89
C ASP B 85 6.62 8.47 -29.00
N PHE B 86 5.37 8.05 -28.82
CA PHE B 86 4.29 8.47 -29.71
C PHE B 86 3.90 9.94 -29.56
N MET B 87 3.95 10.42 -28.34
CA MET B 87 3.80 11.85 -28.10
C MET B 87 4.89 12.62 -28.84
N LEU B 88 6.13 12.10 -28.84
CA LEU B 88 7.23 12.75 -29.58
C LEU B 88 6.95 12.86 -31.08
N ARG B 89 6.40 11.79 -31.66
CA ARG B 89 6.07 11.80 -33.08
C ARG B 89 5.05 12.87 -33.41
N TYR B 90 4.06 13.05 -32.54
CA TYR B 90 3.08 14.09 -32.73
C TYR B 90 3.73 15.48 -32.70
N MET B 91 4.54 15.73 -31.68
CA MET B 91 5.13 17.05 -31.50
C MET B 91 6.02 17.39 -32.69
N TYR B 92 6.72 16.40 -33.21
CA TYR B 92 7.55 16.61 -34.40
C TYR B 92 6.80 16.68 -35.71
N ASN B 93 5.58 16.15 -35.78
CA ASN B 93 4.91 16.07 -37.08
C ASN B 93 3.46 16.55 -37.13
N GLN B 94 3.12 17.53 -36.31
CA GLN B 94 1.76 18.05 -36.22
C GLN B 94 1.26 18.57 -37.55
N GLU B 95 2.20 19.06 -38.36
CA GLU B 95 1.93 19.64 -39.66
C GLU B 95 1.57 18.59 -40.70
N SER B 96 1.92 17.34 -40.42
CA SER B 96 1.73 16.25 -41.38
C SER B 96 0.30 15.71 -41.40
N VAL B 97 -0.11 15.24 -42.57
CA VAL B 97 -1.42 14.64 -42.73
C VAL B 97 -1.43 13.27 -42.04
N ASP B 98 -0.24 12.72 -41.83
CA ASP B 98 -0.08 11.37 -41.28
C ASP B 98 0.90 11.31 -40.12
N TRP B 99 0.74 12.17 -39.11
CA TRP B 99 1.74 12.29 -38.04
C TRP B 99 2.14 10.98 -37.39
N VAL B 100 1.26 9.98 -37.45
CA VAL B 100 1.52 8.71 -36.78
C VAL B 100 2.72 7.96 -37.39
N GLY B 101 2.95 8.20 -38.68
CA GLY B 101 4.12 7.70 -39.37
C GLY B 101 3.88 6.53 -40.32
N ASP B 102 4.94 6.15 -41.04
CA ASP B 102 4.95 4.95 -41.86
C ASP B 102 4.81 3.71 -40.97
N TYR B 103 4.00 2.76 -41.43
CA TYR B 103 3.72 1.56 -40.62
C TYR B 103 4.91 0.60 -40.45
N ASN B 104 5.99 0.80 -41.20
CA ASN B 104 7.16 -0.03 -41.03
C ASN B 104 8.27 0.61 -40.18
N GLU B 105 8.05 1.82 -39.68
CA GLU B 105 9.08 2.51 -38.88
C GLU B 105 9.09 2.10 -37.40
N PRO B 106 10.30 1.89 -36.85
CA PRO B 106 10.45 1.55 -35.42
C PRO B 106 10.14 2.73 -34.54
N LEU B 107 9.81 2.46 -33.29
CA LEU B 107 9.51 3.51 -32.33
C LEU B 107 10.72 3.84 -31.46
N THR B 108 11.14 5.10 -31.50
CA THR B 108 12.35 5.53 -30.80
C THR B 108 12.13 6.78 -29.97
N GLY B 109 13.12 7.11 -29.14
CA GLY B 109 13.06 8.28 -28.28
C GLY B 109 13.55 7.96 -26.89
N PHE B 110 12.65 8.02 -25.92
CA PHE B 110 12.94 7.50 -24.60
C PHE B 110 13.05 5.97 -24.73
N SER B 111 14.00 5.37 -24.01
CA SER B 111 14.19 3.92 -24.11
C SER B 111 13.00 3.12 -23.56
N TRP B 112 12.49 2.22 -24.37
CA TRP B 112 11.38 1.34 -24.01
C TRP B 112 11.72 -0.06 -24.50
N ARG B 113 11.15 -1.06 -23.84
CA ARG B 113 11.37 -2.47 -24.18
C ARG B 113 10.49 -3.37 -23.32
N GLY B 114 10.39 -4.64 -23.70
CA GLY B 114 9.75 -5.64 -22.86
C GLY B 114 10.73 -6.15 -21.82
N GLY B 115 10.40 -7.29 -21.24
CA GLY B 115 11.18 -7.85 -20.14
C GLY B 115 10.55 -7.37 -18.84
N SER B 116 10.72 -8.15 -17.77
CA SER B 116 10.11 -7.83 -16.48
C SER B 116 10.91 -6.86 -15.58
N GLU B 117 12.12 -6.49 -15.98
CA GLU B 117 12.92 -5.55 -15.19
C GLU B 117 12.78 -4.13 -15.73
N ARG B 118 12.76 -3.16 -14.83
CA ARG B 118 12.60 -1.75 -15.20
C ARG B 118 13.70 -1.26 -16.16
N GLU B 119 13.33 -0.30 -16.99
CA GLU B 119 14.27 0.33 -17.88
C GLU B 119 14.52 1.78 -17.44
N THR B 120 13.48 2.60 -17.50
CA THR B 120 13.61 4.00 -17.09
C THR B 120 13.89 4.10 -15.58
N THR B 121 14.86 4.94 -15.22
CA THR B 121 15.10 5.26 -13.81
C THR B 121 15.11 6.76 -13.62
N GLY B 122 14.81 7.20 -12.39
CA GLY B 122 14.76 8.61 -12.09
C GLY B 122 13.78 9.34 -12.99
N ILE B 123 14.18 10.52 -13.46
CA ILE B 123 13.34 11.29 -14.38
C ILE B 123 14.22 11.78 -15.52
N GLN B 124 13.74 11.60 -16.75
CA GLN B 124 14.44 12.11 -17.91
C GLN B 124 13.53 13.10 -18.66
N ILE B 125 14.13 14.01 -19.42
CA ILE B 125 13.32 14.86 -20.27
C ILE B 125 13.88 14.85 -21.68
N TRP B 126 13.06 15.23 -22.65
CA TRP B 126 13.52 15.31 -24.02
C TRP B 126 14.36 16.58 -24.21
N SER B 127 15.52 16.43 -24.83
CA SER B 127 16.45 17.53 -24.98
C SER B 127 15.91 18.69 -25.82
N GLU B 128 14.96 18.40 -26.71
CA GLU B 128 14.44 19.48 -27.54
C GLU B 128 13.13 20.01 -26.97
N ILE B 129 13.13 21.28 -26.63
CA ILE B 129 11.94 21.96 -26.15
C ILE B 129 11.13 22.44 -27.35
N PHE B 130 9.89 21.99 -27.49
CA PHE B 130 9.06 22.41 -28.61
C PHE B 130 8.44 23.78 -28.38
N LEU B 131 8.40 24.60 -29.43
CA LEU B 131 7.76 25.91 -29.31
C LEU B 131 6.41 25.88 -30.00
N ILE B 132 5.38 26.15 -29.22
CA ILE B 132 4.02 26.03 -29.72
C ILE B 132 3.34 27.40 -29.69
N ASN B 133 2.46 27.63 -30.65
CA ASN B 133 1.67 28.84 -30.64
C ASN B 133 0.32 28.53 -30.02
N LYS B 134 0.00 29.19 -28.91
CA LYS B 134 -1.33 29.05 -28.36
C LYS B 134 -2.21 29.90 -29.26
N PRO B 135 -3.52 29.54 -29.37
CA PRO B 135 -4.46 30.31 -30.20
C PRO B 135 -4.42 31.80 -29.86
N ASP B 136 -4.24 32.07 -28.57
CA ASP B 136 -4.03 33.40 -28.02
C ASP B 136 -3.03 34.29 -28.75
N GLY B 137 -1.79 33.85 -28.85
CA GLY B 137 -0.73 34.73 -29.29
C GLY B 137 0.60 34.06 -29.57
N LYS B 138 1.65 34.53 -28.91
CA LYS B 138 3.01 34.05 -29.16
C LYS B 138 3.38 32.65 -28.63
N LYS B 139 4.68 32.41 -28.58
CA LYS B 139 5.24 31.08 -28.32
C LYS B 139 5.36 30.66 -26.86
N VAL B 140 4.93 29.43 -26.59
CA VAL B 140 5.16 28.83 -25.28
C VAL B 140 5.94 27.55 -25.51
N ALA B 141 6.71 27.14 -24.50
CA ALA B 141 7.60 25.98 -24.57
C ALA B 141 6.94 24.73 -24.01
N VAL B 142 7.22 23.57 -24.63
CA VAL B 142 6.66 22.31 -24.17
C VAL B 142 7.78 21.33 -23.84
N LEU B 143 7.77 20.88 -22.58
CA LEU B 143 8.74 19.93 -22.08
C LEU B 143 8.04 18.60 -21.92
N LEU B 144 8.70 17.51 -22.31
CA LEU B 144 8.18 16.16 -22.08
C LEU B 144 9.05 15.43 -21.06
N MET B 145 8.42 14.87 -20.04
CA MET B 145 9.13 14.25 -18.93
C MET B 145 8.75 12.77 -18.81
N ASP B 146 9.76 11.88 -18.81
CA ASP B 146 9.51 10.44 -18.69
C ASP B 146 10.04 9.99 -17.35
N THR B 147 9.29 9.09 -16.70
CA THR B 147 9.60 8.75 -15.32
C THR B 147 9.83 7.27 -15.03
N GLN B 148 10.64 7.03 -14.02
CA GLN B 148 10.80 5.70 -13.46
C GLN B 148 9.49 5.18 -12.91
N GLY B 149 9.07 4.01 -13.39
CA GLY B 149 7.84 3.41 -12.90
C GLY B 149 7.91 3.07 -11.43
N THR B 150 6.79 3.25 -10.73
CA THR B 150 6.72 2.94 -9.32
C THR B 150 6.63 1.43 -9.08
N PHE B 151 7.04 1.03 -7.87
CA PHE B 151 6.89 -0.32 -7.36
C PHE B 151 7.82 -1.35 -8.00
N ASP B 152 8.96 -0.91 -8.53
CA ASP B 152 9.97 -1.86 -8.97
C ASP B 152 10.66 -2.39 -7.72
N SER B 153 11.32 -3.53 -7.85
CA SER B 153 11.88 -4.21 -6.70
C SER B 153 13.30 -3.72 -6.35
N GLN B 154 13.74 -2.66 -7.01
CA GLN B 154 15.01 -2.06 -6.67
C GLN B 154 14.77 -0.85 -5.74
N SER B 155 13.51 -0.50 -5.55
CA SER B 155 13.18 0.80 -4.98
C SER B 155 12.47 0.73 -3.62
N THR B 156 12.82 1.62 -2.70
CA THR B 156 12.01 1.81 -1.50
C THR B 156 10.72 2.52 -1.86
N LEU B 157 9.74 2.49 -0.96
CA LEU B 157 8.50 3.22 -1.18
C LEU B 157 8.79 4.71 -1.34
N ARG B 158 9.75 5.19 -0.54
CA ARG B 158 10.17 6.58 -0.60
C ARG B 158 10.79 6.93 -1.95
N ASP B 159 11.54 5.98 -2.53
CA ASP B 159 12.11 6.20 -3.86
C ASP B 159 10.97 6.45 -4.85
N SER B 160 9.94 5.59 -4.83
CA SER B 160 8.83 5.70 -5.78
C SER B 160 8.01 6.97 -5.54
N ALA B 161 7.79 7.30 -4.28
CA ALA B 161 7.01 8.47 -3.91
C ALA B 161 7.68 9.74 -4.40
N THR B 162 9.00 9.79 -4.27
CA THR B 162 9.78 10.96 -4.64
C THR B 162 9.73 11.19 -6.15
N VAL B 163 9.92 10.16 -6.97
CA VAL B 163 9.85 10.35 -8.42
C VAL B 163 8.47 10.84 -8.85
N PHE B 164 7.44 10.19 -8.33
CA PHE B 164 6.06 10.49 -8.65
C PHE B 164 5.69 11.89 -8.16
N ALA B 165 6.05 12.21 -6.92
CA ALA B 165 5.71 13.53 -6.39
C ALA B 165 6.35 14.65 -7.22
N LEU B 166 7.66 14.53 -7.45
CA LEU B 166 8.43 15.52 -8.20
C LEU B 166 7.86 15.71 -9.61
N SER B 167 7.53 14.61 -10.28
CA SER B 167 7.00 14.69 -11.66
C SER B 167 5.67 15.42 -11.67
N THR B 168 4.87 15.16 -10.64
CA THR B 168 3.60 15.84 -10.45
C THR B 168 3.79 17.33 -10.13
N MET B 169 4.73 17.66 -9.26
CA MET B 169 5.00 19.05 -8.87
C MET B 169 5.54 19.92 -10.02
N ILE B 170 6.32 19.31 -10.90
CA ILE B 170 6.88 19.96 -12.07
C ILE B 170 5.93 20.10 -13.26
N SER B 171 5.15 19.05 -13.51
CA SER B 171 4.28 19.03 -14.69
C SER B 171 3.02 19.89 -14.57
N SER B 172 2.51 20.32 -15.72
CA SER B 172 1.21 20.99 -15.75
C SER B 172 0.14 19.99 -16.17
N ILE B 173 0.58 18.91 -16.81
CA ILE B 173 -0.30 17.80 -17.11
C ILE B 173 0.35 16.48 -16.70
N GLN B 174 -0.28 15.73 -15.80
CA GLN B 174 0.26 14.44 -15.40
C GLN B 174 -0.57 13.28 -15.98
N VAL B 175 0.05 12.45 -16.82
CA VAL B 175 -0.66 11.28 -17.31
C VAL B 175 -0.39 10.15 -16.34
N TYR B 176 -1.40 9.81 -15.55
CA TYR B 176 -1.28 8.75 -14.55
C TYR B 176 -1.64 7.45 -15.25
N ASN B 177 -0.61 6.65 -15.55
CA ASN B 177 -0.76 5.46 -16.38
C ASN B 177 -1.07 4.22 -15.53
N LEU B 178 -2.19 3.56 -15.82
CA LEU B 178 -2.63 2.38 -15.08
C LEU B 178 -2.90 1.20 -16.00
N SER B 179 -2.91 0.02 -15.42
CA SER B 179 -3.18 -1.19 -16.15
C SER B 179 -4.57 -1.76 -15.84
N GLN B 180 -5.40 -1.87 -16.90
CA GLN B 180 -6.69 -2.58 -16.90
C GLN B 180 -7.86 -1.90 -16.18
N ASN B 181 -7.56 -1.25 -15.07
CA ASN B 181 -8.61 -0.80 -14.17
C ASN B 181 -8.03 0.25 -13.23
N VAL B 182 -8.92 0.95 -12.53
CA VAL B 182 -8.56 1.87 -11.47
C VAL B 182 -9.02 1.24 -10.15
N GLN B 183 -8.10 0.60 -9.46
CA GLN B 183 -8.43 -0.10 -8.23
C GLN B 183 -8.28 0.81 -7.04
N GLU B 184 -8.79 0.37 -5.89
CA GLU B 184 -8.74 1.17 -4.69
C GLU B 184 -7.30 1.40 -4.23
N ASP B 185 -6.45 0.38 -4.35
CA ASP B 185 -5.02 0.54 -4.03
C ASP B 185 -4.34 1.58 -4.90
N ASP B 186 -4.77 1.69 -6.15
CA ASP B 186 -4.26 2.75 -7.02
C ASP B 186 -4.62 4.14 -6.50
N LEU B 187 -5.85 4.33 -6.03
CA LEU B 187 -6.26 5.63 -5.50
C LEU B 187 -5.48 5.97 -4.22
N GLN B 188 -5.23 4.96 -3.38
CA GLN B 188 -4.46 5.17 -2.16
C GLN B 188 -3.01 5.58 -2.46
N HIS B 189 -2.40 4.94 -3.46
CA HIS B 189 -1.04 5.33 -3.85
C HIS B 189 -1.01 6.76 -4.37
N LEU B 190 -1.99 7.09 -5.22
CA LEU B 190 -2.05 8.41 -5.80
C LEU B 190 -2.17 9.44 -4.68
N GLN B 191 -3.05 9.15 -3.73
CA GLN B 191 -3.21 10.03 -2.58
C GLN B 191 -1.91 10.19 -1.81
N LEU B 192 -1.26 9.08 -1.49
CA LEU B 192 -0.01 9.12 -0.72
C LEU B 192 1.08 9.92 -1.44
N PHE B 193 1.26 9.65 -2.73
CA PHE B 193 2.28 10.35 -3.53
C PHE B 193 2.00 11.85 -3.71
N THR B 194 0.77 12.21 -4.04
CA THR B 194 0.43 13.62 -4.22
C THR B 194 0.50 14.36 -2.89
N GLU B 195 0.14 13.68 -1.80
CA GLU B 195 0.28 14.28 -0.49
C GLU B 195 1.76 14.58 -0.15
N TYR B 196 2.64 13.64 -0.49
CA TYR B 196 4.08 13.81 -0.28
C TYR B 196 4.59 15.04 -1.05
N GLY B 197 4.11 15.23 -2.27
CA GLY B 197 4.43 16.41 -3.07
C GLY B 197 3.95 17.72 -2.47
N ARG B 198 2.68 17.73 -2.05
CA ARG B 198 2.05 18.93 -1.50
C ARG B 198 2.76 19.41 -0.25
N LEU B 199 3.13 18.46 0.61
CA LEU B 199 3.87 18.79 1.82
C LEU B 199 5.18 19.54 1.55
N ALA B 200 5.77 19.33 0.39
CA ALA B 200 7.04 19.99 0.07
C ALA B 200 6.84 21.35 -0.60
N MET B 201 5.59 21.72 -0.86
CA MET B 201 5.27 22.91 -1.65
C MET B 201 4.99 24.16 -0.83
N GLU B 202 5.10 25.34 -1.46
CA GLU B 202 4.70 26.57 -0.79
C GLU B 202 3.22 26.43 -0.44
N GLU B 203 2.85 26.89 0.75
CA GLU B 203 1.44 26.91 1.12
C GLU B 203 0.69 27.84 0.19
N THR B 204 -0.46 27.36 -0.27
CA THR B 204 -1.32 28.12 -1.16
C THR B 204 -2.73 27.74 -0.82
N PHE B 205 -3.65 28.67 -0.98
CA PHE B 205 -5.06 28.34 -0.79
CA PHE B 205 -5.08 28.40 -0.82
C PHE B 205 -5.66 27.78 -2.09
N LEU B 206 -4.85 27.72 -3.13
CA LEU B 206 -5.34 27.18 -4.39
C LEU B 206 -5.01 25.70 -4.40
N LYS B 207 -5.64 24.97 -5.30
CA LYS B 207 -5.30 23.58 -5.53
C LYS B 207 -3.85 23.50 -5.97
N PRO B 208 -3.11 22.52 -5.44
CA PRO B 208 -1.67 22.43 -5.70
C PRO B 208 -1.32 22.14 -7.15
N PHE B 209 -2.11 21.32 -7.84
CA PHE B 209 -1.74 20.93 -9.21
C PHE B 209 -2.80 21.30 -10.22
N GLN B 210 -2.48 21.11 -11.49
CA GLN B 210 -3.41 21.46 -12.54
C GLN B 210 -4.13 20.24 -13.12
N SER B 211 -3.55 19.60 -14.12
CA SER B 211 -4.29 18.59 -14.86
C SER B 211 -3.79 17.16 -14.63
N LEU B 212 -4.73 16.26 -14.35
CA LEU B 212 -4.42 14.83 -14.17
C LEU B 212 -5.24 13.99 -15.16
N ILE B 213 -4.57 13.07 -15.87
CA ILE B 213 -5.26 12.14 -16.75
C ILE B 213 -5.07 10.69 -16.26
N PHE B 214 -6.16 10.01 -15.90
CA PHE B 214 -6.14 8.56 -15.63
C PHE B 214 -6.16 7.86 -17.00
N LEU B 215 -5.01 7.33 -17.43
CA LEU B 215 -4.93 6.57 -18.67
C LEU B 215 -4.97 5.08 -18.35
N VAL B 216 -6.07 4.42 -18.68
CA VAL B 216 -6.19 2.98 -18.43
C VAL B 216 -5.73 2.21 -19.65
N ARG B 217 -4.55 1.59 -19.56
CA ARG B 217 -4.12 0.65 -20.59
C ARG B 217 -4.92 -0.66 -20.54
N ASP B 218 -5.10 -1.28 -21.69
CA ASP B 218 -5.77 -2.59 -21.77
C ASP B 218 -7.18 -2.62 -21.16
N TRP B 219 -7.93 -1.52 -21.31
CA TRP B 219 -9.32 -1.52 -20.93
C TRP B 219 -10.01 -2.67 -21.66
N SER B 220 -10.75 -3.48 -20.92
CA SER B 220 -11.32 -4.70 -21.48
C SER B 220 -12.83 -4.67 -21.72
N PHE B 221 -13.50 -3.57 -21.36
CA PHE B 221 -14.98 -3.56 -21.42
C PHE B 221 -15.62 -2.38 -22.17
N PRO B 222 -15.29 -2.23 -23.47
CA PRO B 222 -15.83 -1.11 -24.25
C PRO B 222 -17.35 -1.17 -24.34
N TYR B 223 -17.93 -2.37 -24.23
CA TYR B 223 -19.38 -2.52 -24.19
C TYR B 223 -19.99 -1.92 -22.93
N GLU B 224 -19.16 -1.66 -21.94
CA GLU B 224 -19.64 -1.07 -20.72
C GLU B 224 -19.29 0.42 -20.67
N PHE B 225 -18.03 0.75 -20.93
CA PHE B 225 -17.64 2.15 -21.13
C PHE B 225 -16.72 2.19 -22.35
N SER B 226 -17.10 3.05 -23.29
CA SER B 226 -16.40 3.14 -24.57
C SER B 226 -14.94 3.49 -24.40
N TYR B 227 -14.13 2.95 -25.29
CA TYR B 227 -12.75 3.40 -25.44
C TYR B 227 -12.77 4.89 -25.69
N GLY B 228 -11.75 5.57 -25.19
CA GLY B 228 -11.62 6.99 -25.40
C GLY B 228 -11.98 7.82 -24.19
N ALA B 229 -12.02 9.12 -24.43
CA ALA B 229 -12.20 10.12 -23.37
C ALA B 229 -13.62 10.23 -22.78
N ASP B 230 -14.65 9.91 -23.56
CA ASP B 230 -16.03 10.00 -23.05
C ASP B 230 -16.39 8.79 -22.19
N GLY B 231 -16.10 7.58 -22.69
CA GLY B 231 -16.26 6.39 -21.88
C GLY B 231 -15.40 6.58 -20.63
N GLY B 232 -14.18 7.06 -20.82
CA GLY B 232 -13.27 7.26 -19.71
C GLY B 232 -13.86 8.19 -18.67
N ALA B 233 -14.42 9.32 -19.11
CA ALA B 233 -15.03 10.31 -18.21
C ALA B 233 -16.20 9.70 -17.43
N LYS B 234 -17.05 8.95 -18.12
CA LYS B 234 -18.18 8.27 -17.50
C LYS B 234 -17.72 7.24 -16.46
N PHE B 235 -16.71 6.43 -16.81
CA PHE B 235 -16.17 5.44 -15.88
C PHE B 235 -15.63 6.11 -14.62
N LEU B 236 -14.80 7.15 -14.80
CA LEU B 236 -14.12 7.82 -13.69
C LEU B 236 -15.07 8.63 -12.83
N GLU B 237 -16.11 9.19 -13.45
CA GLU B 237 -17.08 9.98 -12.71
C GLU B 237 -17.63 9.09 -11.60
N LYS B 238 -18.01 7.86 -11.95
CA LYS B 238 -18.52 6.90 -10.99
C LYS B 238 -17.48 6.39 -9.99
N ARG B 239 -16.29 6.05 -10.49
CA ARG B 239 -15.21 5.52 -9.66
C ARG B 239 -14.76 6.53 -8.60
N LEU B 240 -14.77 7.82 -8.95
CA LEU B 240 -14.29 8.86 -8.01
C LEU B 240 -15.36 9.65 -7.27
N LYS B 241 -16.64 9.32 -7.46
CA LYS B 241 -17.70 10.17 -6.90
C LYS B 241 -17.59 10.22 -5.39
N VAL B 242 -17.67 11.40 -4.82
CA VAL B 242 -17.63 11.50 -3.37
C VAL B 242 -19.07 11.44 -2.88
N SER B 243 -19.34 10.52 -1.95
CA SER B 243 -20.63 10.42 -1.29
C SER B 243 -20.46 10.54 0.22
N GLY B 244 -21.32 11.32 0.85
CA GLY B 244 -21.27 11.51 2.30
C GLY B 244 -21.60 10.28 3.09
N ASN B 245 -22.25 9.32 2.44
CA ASN B 245 -22.68 8.08 3.06
C ASN B 245 -21.72 6.88 2.93
N GLN B 246 -20.69 7.01 2.12
CA GLN B 246 -19.69 5.96 2.00
C GLN B 246 -18.80 5.97 3.23
N HIS B 247 -18.18 4.84 3.55
CA HIS B 247 -17.21 4.79 4.65
C HIS B 247 -16.17 5.91 4.45
N GLU B 248 -15.73 6.50 5.56
CA GLU B 248 -14.82 7.64 5.56
C GLU B 248 -13.58 7.37 4.72
N GLU B 249 -13.12 6.12 4.81
CA GLU B 249 -11.91 5.71 4.11
C GLU B 249 -12.08 5.87 2.61
N LEU B 250 -13.24 5.49 2.08
CA LEU B 250 -13.53 5.67 0.65
C LEU B 250 -13.76 7.13 0.28
N GLN B 251 -14.44 7.87 1.15
CA GLN B 251 -14.67 9.29 0.92
C GLN B 251 -13.38 10.05 0.88
N ASN B 252 -12.53 9.78 1.86
CA ASN B 252 -11.35 10.62 2.05
CA ASN B 252 -11.31 10.55 2.10
C ASN B 252 -10.33 10.52 0.93
N VAL B 253 -10.11 9.33 0.39
CA VAL B 253 -9.20 9.22 -0.74
C VAL B 253 -9.77 9.99 -1.96
N ARG B 254 -11.07 9.92 -2.15
CA ARG B 254 -11.70 10.65 -3.25
C ARG B 254 -11.68 12.18 -3.04
N LYS B 255 -12.01 12.65 -1.84
CA LYS B 255 -11.93 14.09 -1.58
C LYS B 255 -10.51 14.60 -1.80
N HIS B 256 -9.52 13.84 -1.33
CA HIS B 256 -8.13 14.27 -1.50
C HIS B 256 -7.76 14.44 -2.96
N ILE B 257 -8.04 13.41 -3.77
CA ILE B 257 -7.71 13.50 -5.19
C ILE B 257 -8.42 14.69 -5.89
N HIS B 258 -9.69 14.91 -5.61
CA HIS B 258 -10.40 16.04 -6.22
C HIS B 258 -9.78 17.37 -5.79
N SER B 259 -9.39 17.45 -4.51
CA SER B 259 -8.78 18.66 -3.97
C SER B 259 -7.37 19.00 -4.51
N CYS B 260 -6.68 18.02 -5.09
CA CYS B 260 -5.32 18.26 -5.58
C CYS B 260 -5.22 18.87 -7.00
N PHE B 261 -6.22 18.60 -7.85
CA PHE B 261 -6.19 18.94 -9.29
C PHE B 261 -7.38 19.79 -9.76
N THR B 262 -7.09 20.84 -10.53
CA THR B 262 -8.14 21.66 -11.12
C THR B 262 -8.85 20.93 -12.27
N ASN B 263 -8.16 20.00 -12.91
CA ASN B 263 -8.76 19.24 -14.00
C ASN B 263 -8.41 17.75 -13.87
N ILE B 264 -9.43 16.90 -13.84
CA ILE B 264 -9.21 15.44 -13.80
C ILE B 264 -10.01 14.76 -14.89
N SER B 265 -9.33 13.99 -15.73
CA SER B 265 -9.99 13.32 -16.82
C SER B 265 -9.50 11.88 -16.93
N CYS B 266 -10.09 11.14 -17.85
CA CYS B 266 -9.81 9.73 -17.97
C CYS B 266 -9.99 9.28 -19.43
N PHE B 267 -9.05 8.47 -19.92
CA PHE B 267 -9.06 7.92 -21.27
C PHE B 267 -8.86 6.40 -21.18
N LEU B 268 -9.78 5.64 -21.79
CA LEU B 268 -9.72 4.19 -21.80
C LEU B 268 -9.14 3.71 -23.12
N LEU B 269 -8.03 2.97 -23.05
CA LEU B 269 -7.33 2.55 -24.24
C LEU B 269 -7.43 1.03 -24.39
N PRO B 270 -7.63 0.55 -25.63
CA PRO B 270 -7.67 -0.88 -25.90
C PRO B 270 -6.31 -1.53 -25.69
N HIS B 271 -6.30 -2.84 -25.51
CA HIS B 271 -5.08 -3.62 -25.52
C HIS B 271 -4.44 -3.47 -26.90
N PRO B 272 -3.11 -3.34 -26.97
CA PRO B 272 -2.48 -3.11 -28.27
C PRO B 272 -2.34 -4.39 -29.08
N GLY B 273 -2.74 -5.51 -28.52
CA GLY B 273 -2.55 -6.78 -29.21
C GLY B 273 -1.37 -7.54 -28.63
N LEU B 274 -1.39 -8.84 -28.80
CA LEU B 274 -0.39 -9.71 -28.17
C LEU B 274 1.01 -9.62 -28.77
N LYS B 275 1.14 -9.16 -30.01
CA LYS B 275 2.49 -8.94 -30.54
C LYS B 275 3.20 -7.83 -29.76
N VAL B 276 2.51 -6.72 -29.53
CA VAL B 276 3.09 -5.62 -28.76
C VAL B 276 3.50 -6.12 -27.37
N ALA B 277 2.64 -6.95 -26.81
CA ALA B 277 2.85 -7.38 -25.43
C ALA B 277 3.89 -8.49 -25.28
N THR B 278 3.96 -9.42 -26.24
CA THR B 278 4.74 -10.65 -26.01
C THR B 278 5.88 -10.93 -27.00
N ASN B 279 5.85 -10.36 -28.19
CA ASN B 279 6.85 -10.70 -29.18
C ASN B 279 8.17 -9.95 -28.96
N PRO B 280 9.26 -10.68 -28.66
CA PRO B 280 10.52 -9.96 -28.39
C PRO B 280 11.06 -9.19 -29.60
N ASN B 281 10.60 -9.49 -30.81
CA ASN B 281 11.12 -8.82 -31.98
C ASN B 281 10.35 -7.55 -32.31
N PHE B 282 9.27 -7.32 -31.58
CA PHE B 282 8.49 -6.11 -31.73
C PHE B 282 9.37 -4.89 -31.45
N ASP B 283 9.39 -3.96 -32.38
CA ASP B 283 10.18 -2.76 -32.16
C ASP B 283 9.40 -1.45 -32.41
N GLY B 284 8.08 -1.56 -32.27
CA GLY B 284 7.18 -0.42 -32.32
C GLY B 284 6.54 -0.11 -33.65
N LYS B 285 6.65 -1.02 -34.63
CA LYS B 285 6.03 -0.77 -35.94
C LYS B 285 4.50 -0.85 -35.83
N LEU B 286 3.84 0.17 -36.36
CA LEU B 286 2.37 0.24 -36.38
C LEU B 286 1.71 -0.98 -37.06
N LYS B 287 2.37 -1.55 -38.06
CA LYS B 287 1.82 -2.71 -38.76
C LYS B 287 1.65 -3.91 -37.85
N GLU B 288 2.32 -3.89 -36.69
CA GLU B 288 2.23 -4.98 -35.74
C GLU B 288 1.36 -4.65 -34.53
N ILE B 289 0.70 -3.50 -34.58
CA ILE B 289 -0.13 -3.03 -33.49
C ILE B 289 -1.60 -3.12 -33.88
N ASP B 290 -2.46 -3.53 -32.95
CA ASP B 290 -3.88 -3.71 -33.26
C ASP B 290 -4.45 -2.40 -33.77
N ASP B 291 -5.25 -2.47 -34.84
CA ASP B 291 -5.80 -1.26 -35.47
C ASP B 291 -6.71 -0.46 -34.53
N GLU B 292 -7.45 -1.14 -33.69
CA GLU B 292 -8.35 -0.44 -32.78
C GLU B 292 -7.54 0.41 -31.79
N PHE B 293 -6.40 -0.13 -31.38
CA PHE B 293 -5.46 0.61 -30.54
C PHE B 293 -4.96 1.85 -31.27
N ILE B 294 -4.56 1.67 -32.54
CA ILE B 294 -4.01 2.78 -33.31
C ILE B 294 -5.06 3.89 -33.47
N LYS B 295 -6.29 3.47 -33.74
CA LYS B 295 -7.40 4.40 -33.91
C LYS B 295 -7.55 5.26 -32.65
N ASN B 296 -7.53 4.62 -31.48
CA ASN B 296 -7.63 5.34 -30.24
C ASN B 296 -6.37 6.12 -29.83
N LEU B 297 -5.21 5.62 -30.23
CA LEU B 297 -3.97 6.34 -30.01
C LEU B 297 -4.05 7.68 -30.75
N LYS B 298 -4.63 7.65 -31.94
CA LYS B 298 -4.74 8.83 -32.78
C LYS B 298 -5.73 9.85 -32.20
N ILE B 299 -6.70 9.38 -31.41
CA ILE B 299 -7.55 10.28 -30.63
C ILE B 299 -6.76 10.79 -29.42
N LEU B 300 -6.13 9.88 -28.69
CA LEU B 300 -5.49 10.18 -27.42
C LEU B 300 -4.39 11.26 -27.46
N ILE B 301 -3.43 11.10 -28.36
CA ILE B 301 -2.27 12.01 -28.38
C ILE B 301 -2.62 13.49 -28.71
N PRO B 302 -3.39 13.72 -29.78
CA PRO B 302 -3.71 15.14 -30.02
C PRO B 302 -4.64 15.69 -28.94
N TRP B 303 -5.45 14.83 -28.34
CA TRP B 303 -6.30 15.23 -27.22
C TRP B 303 -5.49 15.71 -26.01
N LEU B 304 -4.43 14.98 -25.69
CA LEU B 304 -3.45 15.39 -24.67
C LEU B 304 -2.66 16.65 -25.07
N LEU B 305 -2.25 16.74 -26.34
CA LEU B 305 -1.20 17.71 -26.74
C LEU B 305 -1.63 18.87 -27.64
N SER B 306 -2.93 18.99 -27.92
CA SER B 306 -3.39 20.11 -28.75
C SER B 306 -3.13 21.45 -28.08
N PRO B 307 -2.73 22.45 -28.87
CA PRO B 307 -2.38 23.77 -28.33
C PRO B 307 -3.45 24.36 -27.42
N GLU B 308 -4.73 24.09 -27.68
CA GLU B 308 -5.78 24.62 -26.79
C GLU B 308 -5.86 23.95 -25.43
N SER B 309 -5.49 22.67 -25.36
CA SER B 309 -5.55 21.98 -24.08
C SER B 309 -4.30 22.20 -23.23
N LEU B 310 -3.22 22.70 -23.85
CA LEU B 310 -1.94 22.86 -23.17
C LEU B 310 -1.86 24.11 -22.30
N ASP B 311 -2.18 23.94 -21.02
CA ASP B 311 -2.10 25.04 -20.06
C ASP B 311 -0.69 25.24 -19.51
N ILE B 312 -0.29 26.50 -19.43
CA ILE B 312 0.97 26.90 -18.86
C ILE B 312 1.06 26.54 -17.38
N LYS B 313 2.18 25.95 -17.01
CA LYS B 313 2.43 25.53 -15.64
C LYS B 313 2.26 26.70 -14.69
N GLU B 314 1.55 26.47 -13.60
CA GLU B 314 1.44 27.47 -12.56
C GLU B 314 1.82 26.87 -11.21
N ILE B 315 2.50 27.68 -10.40
CA ILE B 315 2.85 27.31 -9.05
C ILE B 315 2.49 28.46 -8.11
N ASN B 316 1.70 28.17 -7.08
CA ASN B 316 1.28 29.19 -6.12
C ASN B 316 0.65 30.42 -6.80
N GLY B 317 -0.15 30.17 -7.82
CA GLY B 317 -0.86 31.25 -8.51
C GLY B 317 -0.05 31.99 -9.56
N ASN B 318 1.20 31.60 -9.78
CA ASN B 318 2.00 32.28 -10.80
C ASN B 318 2.31 31.40 -11.99
N LYS B 319 2.20 31.96 -13.18
CA LYS B 319 2.63 31.27 -14.39
C LYS B 319 4.16 31.22 -14.42
N ILE B 320 4.69 30.07 -14.80
CA ILE B 320 6.12 29.81 -14.67
C ILE B 320 6.80 29.74 -16.03
N THR B 321 8.02 30.28 -16.11
CA THR B 321 8.82 30.19 -17.31
C THR B 321 9.77 28.98 -17.25
N CYS B 322 10.49 28.74 -18.33
CA CYS B 322 11.47 27.66 -18.30
C CYS B 322 12.54 27.83 -17.21
N ARG B 323 13.14 29.02 -17.10
CA ARG B 323 14.15 29.23 -16.06
C ARG B 323 13.53 29.15 -14.68
N GLY B 324 12.31 29.67 -14.54
CA GLY B 324 11.59 29.57 -13.28
C GLY B 324 11.32 28.12 -12.91
N LEU B 325 11.06 27.27 -13.90
CA LEU B 325 10.79 25.86 -13.62
C LEU B 325 12.03 25.15 -13.07
N VAL B 326 13.19 25.52 -13.60
CA VAL B 326 14.46 25.01 -13.07
C VAL B 326 14.66 25.42 -11.61
N GLU B 327 14.32 26.67 -11.28
CA GLU B 327 14.48 27.13 -9.90
C GLU B 327 13.61 26.30 -8.97
N TYR B 328 12.39 25.97 -9.39
CA TYR B 328 11.54 25.11 -8.56
C TYR B 328 12.03 23.66 -8.41
N PHE B 329 12.59 23.11 -9.48
CA PHE B 329 13.12 21.76 -9.47
C PHE B 329 14.24 21.66 -8.41
N LYS B 330 15.10 22.67 -8.39
CA LYS B 330 16.19 22.72 -7.43
C LYS B 330 15.65 22.84 -6.00
N ALA B 331 14.64 23.67 -5.83
CA ALA B 331 14.08 23.91 -4.51
C ALA B 331 13.38 22.65 -3.97
N TYR B 332 12.60 22.02 -4.83
CA TYR B 332 11.86 20.84 -4.42
C TYR B 332 12.83 19.75 -4.04
N ILE B 333 13.87 19.56 -4.85
CA ILE B 333 14.89 18.55 -4.53
C ILE B 333 15.56 18.82 -3.18
N LYS B 334 15.82 20.09 -2.91
CA LYS B 334 16.49 20.45 -1.67
C LYS B 334 15.62 20.13 -0.46
N ILE B 335 14.32 20.31 -0.62
CA ILE B 335 13.40 20.00 0.47
C ILE B 335 13.39 18.51 0.78
N TYR B 336 13.34 17.69 -0.26
CA TYR B 336 13.38 16.24 -0.06
C TYR B 336 14.71 15.79 0.53
N GLN B 337 15.78 16.50 0.18
CA GLN B 337 17.09 16.19 0.71
C GLN B 337 17.31 16.65 2.16
N GLY B 338 16.78 17.82 2.51
CA GLY B 338 17.10 18.48 3.78
C GLY B 338 16.10 18.64 4.91
N GLU B 339 14.81 18.42 4.64
CA GLU B 339 13.76 18.76 5.61
C GLU B 339 13.25 17.56 6.36
N GLU B 340 12.65 17.81 7.52
CA GLU B 340 11.91 16.74 8.18
C GLU B 340 10.64 16.66 7.37
N LEU B 341 10.45 15.56 6.65
CA LEU B 341 9.16 15.30 6.03
C LEU B 341 8.65 13.98 6.57
N PRO B 342 7.33 13.83 6.65
CA PRO B 342 6.94 12.49 7.04
C PRO B 342 7.15 11.60 5.84
N HIS B 343 8.09 10.66 5.97
CA HIS B 343 8.40 9.81 4.82
C HIS B 343 7.49 8.60 4.75
N PRO B 344 7.13 8.21 3.53
CA PRO B 344 6.18 7.11 3.36
C PRO B 344 6.72 5.79 3.91
N LYS B 345 5.83 5.03 4.52
CA LYS B 345 6.15 3.72 5.05
C LYS B 345 5.19 2.68 4.46
N SER B 346 5.62 1.43 4.36
CA SER B 346 4.73 0.33 3.98
C SER B 346 3.63 0.27 5.04
N MET B 347 2.46 -0.25 4.69
CA MET B 347 1.38 -0.23 5.68
C MET B 347 1.65 -1.09 6.89
N LEU B 348 2.33 -2.22 6.71
CA LEU B 348 2.65 -3.01 7.90
C LEU B 348 3.54 -2.17 8.81
N GLN B 349 4.56 -1.56 8.22
CA GLN B 349 5.48 -0.75 8.99
C GLN B 349 4.76 0.40 9.69
N ALA B 350 3.92 1.12 8.96
CA ALA B 350 3.23 2.27 9.49
C ALA B 350 2.31 1.88 10.63
N THR B 351 1.62 0.78 10.43
CA THR B 351 0.70 0.24 11.41
C THR B 351 1.41 -0.32 12.63
N ALA B 352 2.50 -1.04 12.39
CA ALA B 352 3.28 -1.61 13.48
C ALA B 352 3.83 -0.49 14.35
N GLU B 353 4.21 0.62 13.73
CA GLU B 353 4.72 1.77 14.48
C GLU B 353 3.62 2.39 15.31
N ALA B 354 2.44 2.56 14.71
CA ALA B 354 1.32 3.15 15.43
C ALA B 354 0.87 2.30 16.61
N ASN B 355 0.72 0.99 16.39
CA ASN B 355 0.30 0.10 17.47
C ASN B 355 1.28 0.18 18.65
N ASN B 356 2.57 0.24 18.32
CA ASN B 356 3.60 0.28 19.35
C ASN B 356 3.69 1.59 20.11
N LEU B 357 3.61 2.72 19.41
CA LEU B 357 3.60 4.02 20.06
C LEU B 357 2.38 4.13 20.99
N ALA B 358 1.24 3.63 20.56
CA ALA B 358 0.03 3.73 21.35
C ALA B 358 0.16 2.91 22.64
N ALA B 359 0.69 1.69 22.50
CA ALA B 359 0.89 0.82 23.65
C ALA B 359 1.93 1.38 24.63
N VAL B 360 2.95 2.05 24.10
CA VAL B 360 3.95 2.66 24.97
C VAL B 360 3.30 3.77 25.80
N ALA B 361 2.48 4.58 25.15
CA ALA B 361 1.80 5.68 25.81
C ALA B 361 0.94 5.20 26.98
N THR B 362 0.14 4.19 26.71
CA THR B 362 -0.78 3.66 27.70
C THR B 362 -0.06 3.03 28.88
N ALA B 363 0.93 2.21 28.59
CA ALA B 363 1.70 1.53 29.60
C ALA B 363 2.44 2.53 30.50
N LYS B 364 3.00 3.58 29.88
CA LYS B 364 3.68 4.64 30.61
C LYS B 364 2.67 5.42 31.46
N ASP B 365 1.53 5.77 30.87
CA ASP B 365 0.50 6.50 31.60
CA ASP B 365 0.49 6.49 31.59
C ASP B 365 0.04 5.74 32.83
N THR B 366 -0.13 4.43 32.69
CA THR B 366 -0.59 3.60 33.80
C THR B 366 0.40 3.62 34.96
N TYR B 367 1.69 3.49 34.62
CA TYR B 367 2.75 3.59 35.60
C TYR B 367 2.71 4.92 36.32
N ASN B 368 2.71 6.01 35.55
CA ASN B 368 2.74 7.35 36.11
C ASN B 368 1.57 7.61 37.05
N LYS B 369 0.36 7.26 36.62
CA LYS B 369 -0.82 7.50 37.43
C LYS B 369 -0.69 6.79 38.75
N LYS B 370 -0.18 5.56 38.70
CA LYS B 370 -0.03 4.78 39.93
C LYS B 370 1.08 5.25 40.86
N MET B 371 2.20 5.70 40.29
CA MET B 371 3.22 6.35 41.12
C MET B 371 2.72 7.66 41.75
N GLU B 372 1.90 8.40 41.01
CA GLU B 372 1.31 9.63 41.55
C GLU B 372 0.48 9.38 42.79
N GLU B 373 -0.22 8.25 42.83
CA GLU B 373 -1.02 7.89 43.99
C GLU B 373 -0.10 7.62 45.18
N ILE B 374 1.16 7.31 44.89
CA ILE B 374 2.12 6.89 45.90
C ILE B 374 3.13 7.97 46.31
N CYS B 375 3.61 8.74 45.34
CA CYS B 375 4.64 9.72 45.65
C CYS B 375 4.43 11.03 44.93
N GLY B 376 3.17 11.32 44.61
CA GLY B 376 2.82 12.63 44.10
C GLY B 376 3.11 13.67 45.17
N GLY B 377 3.05 14.93 44.78
CA GLY B 377 3.46 16.03 45.64
C GLY B 377 2.69 16.14 46.93
N ASP B 378 1.43 15.71 46.92
CA ASP B 378 0.59 15.81 48.12
C ASP B 378 0.61 14.51 48.92
N LYS B 379 1.67 13.72 48.76
CA LYS B 379 1.77 12.45 49.45
C LYS B 379 3.00 12.43 50.34
N PRO B 380 2.91 11.72 51.46
CA PRO B 380 4.04 11.76 52.39
C PRO B 380 5.28 11.10 51.80
N PHE B 381 6.41 11.52 52.36
CA PHE B 381 7.71 10.96 52.04
C PHE B 381 7.69 9.45 52.23
N LEU B 382 8.36 8.74 51.35
CA LEU B 382 8.52 7.31 51.46
C LEU B 382 10.00 7.00 51.62
N ALA B 383 10.32 6.03 52.47
CA ALA B 383 11.68 5.51 52.59
C ALA B 383 12.08 4.98 51.23
N PRO B 384 13.34 5.21 50.83
CA PRO B 384 13.85 4.86 49.51
C PRO B 384 13.57 3.42 49.10
N ASN B 385 13.66 2.50 50.05
CA ASN B 385 13.42 1.10 49.74
C ASN B 385 11.96 0.76 49.47
N ASP B 386 11.06 1.42 50.21
CA ASP B 386 9.64 1.20 49.98
C ASP B 386 9.28 1.73 48.60
N LEU B 387 9.85 2.90 48.26
CA LEU B 387 9.61 3.53 46.96
C LEU B 387 10.14 2.67 45.83
N GLN B 388 11.34 2.14 46.01
CA GLN B 388 11.94 1.27 44.99
C GLN B 388 11.06 0.05 44.73
N THR B 389 10.54 -0.50 45.81
CA THR B 389 9.73 -1.70 45.72
C THR B 389 8.45 -1.38 44.97
N LYS B 390 7.85 -0.23 45.26
CA LYS B 390 6.65 0.18 44.56
C LYS B 390 6.91 0.43 43.08
N HIS B 391 8.02 1.09 42.79
CA HIS B 391 8.41 1.39 41.42
C HIS B 391 8.63 0.12 40.60
N LEU B 392 9.38 -0.82 41.18
CA LEU B 392 9.67 -2.06 40.47
C LEU B 392 8.41 -2.87 40.15
N GLN B 393 7.48 -2.95 41.11
CA GLN B 393 6.21 -3.64 40.89
C GLN B 393 5.42 -3.00 39.76
N LEU B 394 5.26 -1.67 39.85
CA LEU B 394 4.46 -0.92 38.89
C LEU B 394 5.09 -0.95 37.51
N LYS B 395 6.42 -0.93 37.47
CA LYS B 395 7.12 -1.01 36.21
C LYS B 395 6.84 -2.36 35.56
N GLU B 396 6.90 -3.43 36.36
CA GLU B 396 6.64 -4.77 35.88
C GLU B 396 5.22 -4.90 35.37
N GLU B 397 4.29 -4.25 36.06
CA GLU B 397 2.88 -4.28 35.66
C GLU B 397 2.70 -3.61 34.29
N SER B 398 3.39 -2.49 34.08
CA SER B 398 3.33 -1.81 32.79
C SER B 398 4.02 -2.60 31.68
N VAL B 399 5.11 -3.29 32.00
CA VAL B 399 5.76 -4.13 31.00
C VAL B 399 4.82 -5.26 30.62
N LYS B 400 4.21 -5.89 31.63
CA LYS B 400 3.28 -6.98 31.37
C LYS B 400 2.12 -6.50 30.51
N LEU B 401 1.61 -5.32 30.85
CA LEU B 401 0.54 -4.72 30.04
C LEU B 401 0.97 -4.52 28.59
N PHE B 402 2.17 -3.95 28.40
CA PHE B 402 2.67 -3.67 27.05
C PHE B 402 2.78 -4.95 26.23
N ARG B 403 3.32 -6.00 26.84
CA ARG B 403 3.49 -7.27 26.13
C ARG B 403 2.14 -7.88 25.77
N GLY B 404 1.11 -7.55 26.53
CA GLY B 404 -0.22 -8.11 26.35
C GLY B 404 -1.01 -7.59 25.17
N VAL B 405 -0.66 -6.39 24.71
CA VAL B 405 -1.43 -5.74 23.67
C VAL B 405 -1.09 -6.36 22.32
N LYS B 406 -2.09 -6.83 21.59
CA LYS B 406 -1.82 -7.39 20.28
C LYS B 406 -1.44 -6.26 19.33
N LYS B 407 -0.34 -6.46 18.60
CA LYS B 407 0.17 -5.44 17.72
C LYS B 407 0.67 -6.10 16.47
N MET B 408 0.55 -5.38 15.36
CA MET B 408 1.11 -5.87 14.12
C MET B 408 2.62 -5.73 14.16
N GLY B 409 3.31 -6.70 13.56
CA GLY B 409 4.75 -6.61 13.44
C GLY B 409 5.50 -7.67 14.22
N GLY B 410 4.86 -8.24 15.23
CA GLY B 410 5.50 -9.31 15.95
C GLY B 410 6.26 -8.77 17.14
N GLU B 411 6.70 -9.66 18.01
CA GLU B 411 7.46 -9.27 19.19
C GLU B 411 8.82 -8.71 18.82
N GLU B 412 9.40 -9.22 17.72
CA GLU B 412 10.70 -8.73 17.27
C GLU B 412 10.62 -7.23 16.97
N PHE B 413 9.58 -6.82 16.23
CA PHE B 413 9.38 -5.41 15.91
C PHE B 413 9.18 -4.56 17.15
N SER B 414 8.69 -5.17 18.23
CA SER B 414 8.32 -4.43 19.42
C SER B 414 9.44 -4.25 20.45
N ARG B 415 10.54 -4.99 20.27
CA ARG B 415 11.60 -5.00 21.29
C ARG B 415 12.18 -3.61 21.52
N ARG B 416 12.30 -2.86 20.43
CA ARG B 416 12.84 -1.53 20.51
C ARG B 416 11.89 -0.64 21.33
N TYR B 417 10.60 -0.80 21.11
CA TYR B 417 9.59 -0.04 21.86
C TYR B 417 9.52 -0.46 23.32
N LEU B 418 9.66 -1.76 23.58
CA LEU B 418 9.73 -2.24 24.96
C LEU B 418 10.91 -1.60 25.66
N GLN B 419 12.04 -1.58 24.98
CA GLN B 419 13.24 -0.96 25.52
C GLN B 419 12.99 0.51 25.79
N GLN B 420 12.28 1.17 24.88
CA GLN B 420 11.95 2.58 25.02
C GLN B 420 11.06 2.83 26.24
N LEU B 421 10.04 1.99 26.38
CA LEU B 421 9.12 2.08 27.51
C LEU B 421 9.83 1.92 28.86
N GLU B 422 10.66 0.89 28.97
CA GLU B 422 11.39 0.65 30.22
C GLU B 422 12.32 1.84 30.52
N SER B 423 12.92 2.39 29.47
CA SER B 423 13.82 3.53 29.59
C SER B 423 13.11 4.79 30.08
N GLU B 424 11.96 5.10 29.46
CA GLU B 424 11.17 6.28 29.84
C GLU B 424 10.57 6.13 31.25
N ILE B 425 10.20 4.92 31.62
CA ILE B 425 9.73 4.66 32.97
C ILE B 425 10.84 4.91 33.98
N ASP B 426 12.07 4.48 33.66
CA ASP B 426 13.19 4.71 34.57
C ASP B 426 13.46 6.20 34.77
N GLU B 427 13.33 6.95 33.68
CA GLU B 427 13.44 8.41 33.75
C GLU B 427 12.40 9.02 34.67
N LEU B 428 11.15 8.58 34.54
CA LEU B 428 10.07 9.07 35.40
C LEU B 428 10.42 8.79 36.85
N TYR B 429 10.96 7.60 37.09
CA TYR B 429 11.35 7.19 38.44
C TYR B 429 12.44 8.12 39.00
N ILE B 430 13.43 8.45 38.18
CA ILE B 430 14.47 9.35 38.63
C ILE B 430 13.89 10.69 39.10
N GLN B 431 12.92 11.21 38.35
CA GLN B 431 12.28 12.48 38.73
C GLN B 431 11.53 12.32 40.03
N TYR B 432 10.86 11.19 40.18
CA TYR B 432 10.14 10.90 41.41
C TYR B 432 11.06 10.86 42.63
N ILE B 433 12.26 10.29 42.45
CA ILE B 433 13.19 10.20 43.57
C ILE B 433 13.56 11.59 44.06
N LYS B 434 13.83 12.48 43.11
CA LYS B 434 14.24 13.84 43.43
C LYS B 434 13.15 14.56 44.21
N HIS B 435 11.89 14.37 43.81
CA HIS B 435 10.76 14.95 44.55
C HIS B 435 10.64 14.33 45.95
N ASN B 436 10.73 13.00 46.01
CA ASN B 436 10.60 12.30 47.27
C ASN B 436 11.71 12.71 48.24
N ASP B 437 12.93 12.82 47.74
CA ASP B 437 14.06 13.23 48.57
C ASP B 437 13.79 14.60 49.18
N SER B 438 13.25 15.51 48.37
CA SER B 438 13.05 16.89 48.80
C SER B 438 12.05 17.01 49.95
N LYS B 439 11.20 15.99 50.11
CA LYS B 439 10.24 15.95 51.21
C LYS B 439 10.91 15.66 52.57
N ASN B 440 12.07 15.01 52.54
CA ASN B 440 12.81 14.68 53.76
C ASN B 440 14.30 14.61 53.51
N ILE B 441 14.92 15.76 53.24
CA ILE B 441 16.35 15.83 52.94
C ILE B 441 17.21 15.17 54.02
N PHE B 442 16.78 15.27 55.26
CA PHE B 442 17.59 14.84 56.40
C PHE B 442 17.40 13.38 56.78
N HIS B 443 16.54 12.68 56.04
CA HIS B 443 16.24 11.27 56.34
C HIS B 443 17.46 10.42 56.72
N ALA B 444 18.48 10.42 55.87
CA ALA B 444 19.66 9.58 56.06
C ALA B 444 20.57 10.11 57.18
N ALA B 445 20.74 11.42 57.24
CA ALA B 445 21.58 12.00 58.29
C ALA B 445 20.96 11.73 59.64
N ARG B 446 19.65 11.92 59.74
CA ARG B 446 18.98 11.71 61.01
C ARG B 446 19.01 10.23 61.39
N ALA B 447 18.79 9.35 60.40
CA ALA B 447 18.85 7.91 60.64
C ALA B 447 20.18 7.52 61.28
N ALA B 448 21.27 8.04 60.71
CA ALA B 448 22.62 7.73 61.16
C ALA B 448 22.88 8.27 62.57
N ALA B 449 22.38 9.47 62.87
CA ALA B 449 22.48 10.01 64.21
C ALA B 449 21.68 9.20 65.22
N LEU B 450 20.49 8.76 64.85
CA LEU B 450 19.65 8.03 65.78
C LEU B 450 20.19 6.64 66.08
N GLU B 451 20.78 6.02 65.06
CA GLU B 451 21.37 4.68 65.13
C GLU B 451 22.42 4.59 66.24
N HIS B 452 23.31 5.58 66.28
CA HIS B 452 24.32 5.67 67.30
C HIS B 452 23.68 6.00 68.66
PB GDP C . -12.55 -12.54 -10.46
O1B GDP C . -13.19 -13.77 -9.81
O2B GDP C . -11.07 -12.46 -10.17
O3B GDP C . -13.23 -11.29 -10.03
O3A GDP C . -12.68 -12.57 -12.07
PA GDP C . -13.61 -13.59 -12.90
O1A GDP C . -13.16 -15.01 -12.66
O2A GDP C . -15.08 -13.43 -12.58
O5' GDP C . -13.25 -13.15 -14.41
C5' GDP C . -13.07 -11.78 -14.75
C4' GDP C . -12.79 -11.63 -16.24
O4' GDP C . -11.45 -12.07 -16.47
C3' GDP C . -13.65 -12.48 -17.16
O3' GDP C . -14.08 -11.67 -18.27
C2' GDP C . -12.72 -13.57 -17.71
O2' GDP C . -13.05 -13.93 -19.05
C1' GDP C . -11.41 -12.83 -17.70
N9 GDP C . -10.25 -13.71 -17.55
C8 GDP C . -10.20 -14.95 -17.02
N7 GDP C . -8.92 -15.37 -17.01
C5 GDP C . -8.15 -14.37 -17.52
C6 GDP C . -6.71 -14.15 -17.76
O6 GDP C . -5.91 -15.06 -17.46
N1 GDP C . -6.32 -12.97 -18.30
C2 GDP C . -7.19 -12.00 -18.60
N2 GDP C . -6.74 -10.84 -19.11
N3 GDP C . -8.54 -12.12 -18.38
C4 GDP C . -9.03 -13.28 -17.84
AL ALF D . -14.10 -10.64 -8.26
F1 ALF D . -15.69 -10.66 -9.04
F2 ALF D . -12.48 -10.59 -7.49
F3 ALF D . -14.29 -12.30 -7.72
F4 ALF D . -13.90 -8.97 -8.85
MG MG E . -14.58 -14.10 -8.52
PB GDP F . 7.45 1.59 -18.95
O1B GDP F . 6.17 1.99 -18.23
O2B GDP F . 8.18 2.82 -19.43
O3B GDP F . 8.35 0.85 -18.00
O3A GDP F . 7.10 0.53 -20.12
PA GDP F . 7.83 0.58 -21.56
O1A GDP F . 9.31 0.45 -21.38
O2A GDP F . 7.44 1.89 -22.27
O5' GDP F . 7.10 -0.67 -22.25
C5' GDP F . 7.01 -1.93 -21.56
C4' GDP F . 6.32 -2.94 -22.48
O4' GDP F . 4.93 -2.62 -22.59
C3' GDP F . 6.86 -2.98 -23.92
O3' GDP F . 7.07 -4.37 -24.24
C2' GDP F . 5.70 -2.47 -24.76
O2' GDP F . 5.61 -3.09 -26.05
C1' GDP F . 4.48 -2.88 -23.94
N9 GDP F . 3.30 -2.02 -24.09
C8 GDP F . 3.27 -0.73 -24.49
N7 GDP F . 2.01 -0.24 -24.43
C5 GDP F . 1.23 -1.25 -23.98
C6 GDP F . -0.20 -1.42 -23.67
O6 GDP F . -0.96 -0.44 -23.85
N1 GDP F . -0.62 -2.61 -23.20
C2 GDP F . 0.22 -3.65 -23.01
N2 GDP F . -0.23 -4.85 -22.53
N3 GDP F . 1.53 -3.54 -23.28
C4 GDP F . 2.08 -2.40 -23.74
AL ALF G . 9.76 1.42 -16.59
F1 ALF G . 9.51 -0.25 -15.98
F2 ALF G . 9.95 3.06 -17.24
F3 ALF G . 8.43 1.99 -15.54
F4 ALF G . 11.15 0.85 -17.57
MG MG H . 9.81 3.94 -19.08
#